data_7ZT5
#
_entry.id   7ZT5
#
_cell.length_a   90.970
_cell.length_b   104.670
_cell.length_c   117.700
_cell.angle_alpha   90.00
_cell.angle_beta   90.00
_cell.angle_gamma   90.00
#
_symmetry.space_group_name_H-M   'P 21 21 21'
#
loop_
_entity.id
_entity.type
_entity.pdbx_description
1 polymer 'Major histocompatibility complex class I-related gene protein'
2 polymer Beta-2-microglobulin
3 polymer 'TCR alpha'
4 polymer 'TCR beta'
5 non-polymer '3-methanoyl-2-oxidanyl-benzoic acid'
6 water water
#
loop_
_entity_poly.entity_id
_entity_poly.type
_entity_poly.pdbx_seq_one_letter_code
_entity_poly.pdbx_strand_id
1 'polypeptide(L)'
;MRTHSLRYFRLGVSDPIHGVPEFISVGYVDSHPITTYDSVTRQKEPRAPWMAENLAPDHWERYTQLLRGWQQMFKVELKR
LQRHYNHSGSHTYQRMIGCELLEDGSTTGFLQYAYDGQDFLIFNKDTLSWLAVDNVAHTIKQAWEANQHELLYQKNWLEE
ECIAWLKRFLEYGKDTLQRTEPPLVRVNRKETFPGVTALFCKAHGFYPPEIYMTWMKNGEEIVQEIDYGDILPSGDGTYQ
AWASIELDPQSSNLYSCHVEHSGVHMVLQVPGSGGGLNDIFEAQKIEWHE
;
A
2 'polypeptide(L)'
;MIQRTPKIQVYSRHPAENGKSNFLNCYVSGFHPSDIEVDLLKNGERIEKVEHSDLSFSKDWSFYLLYYTEFTPTEKDEYA
CRVNHVTLSQPKIVKWDRDM
;
B
3 'polypeptide(L)'
;MAGQNIDQPTEMTATEGAIVQINCTYQTSGFNGLFWYQQHAGEAPTFLSYNVLDGLEEKGRFSSFLSRSKGYSYLLLKEL
QMKDSASYLCAFLDSNYQLIWGAGTKLIIKPDIQNPDPAVYQLRDSKSSDKSVCLFTDFDSQTNVSQSKDSDVYITDKCV
LDMRSMDFKSNSAVAWSNKSDFACANAFNNSIIPEDTFFPSPESS
;
D
4 'polypeptide(L)'
;NAGVTQTPKFQVLKTGQSMTLQCAQDMNHNYMYWYRQDPGMGLRLIYYSASEGTTDKGEVPNGYNVSRSTTEDFPLRLLS
AAPSQTSVYFCASSNREYSPLHFGNGTRLTVTEDLNKVFPPEVAVFEPSEAEISHTQKATLVCLATGFYPDHVELSWWVN
GKEVHSGVCTDPQPLKEQPALNDSRYALSSRLRVSATFWQDPRNHFRCQVQFYGLSENDEWTQDRAKPVTQIVSAEAWGR
ADAAAGAAEQKLISEEDLNGAA
;
E
#
# COMPACT_ATOMS: atom_id res chain seq x y z
N MET A 1 24.82 -25.43 -9.95
CA MET A 1 23.58 -25.02 -9.20
C MET A 1 22.39 -25.77 -9.82
N ARG A 2 21.25 -25.74 -9.11
CA ARG A 2 19.93 -26.28 -9.56
C ARG A 2 18.89 -25.16 -9.49
N THR A 3 17.66 -25.44 -9.94
CA THR A 3 16.49 -24.55 -9.76
C THR A 3 16.23 -24.37 -8.26
N HIS A 4 15.82 -23.15 -7.89
CA HIS A 4 15.23 -22.78 -6.57
C HIS A 4 13.93 -22.01 -6.81
N SER A 5 13.04 -21.99 -5.82
CA SER A 5 11.67 -21.46 -5.99
C SER A 5 11.17 -20.84 -4.66
N LEU A 6 10.50 -19.68 -4.76
CA LEU A 6 9.76 -19.04 -3.65
C LEU A 6 8.27 -19.10 -3.96
N ARG A 7 7.46 -19.60 -3.02
CA ARG A 7 6.00 -19.83 -3.18
C ARG A 7 5.29 -19.34 -1.93
N TYR A 8 4.22 -18.57 -2.07
CA TYR A 8 3.30 -18.21 -0.96
C TYR A 8 1.89 -18.71 -1.30
N PHE A 9 1.32 -19.41 -0.33
CA PHE A 9 -0.02 -20.03 -0.42
C PHE A 9 -0.95 -19.34 0.57
N ARG A 10 -2.19 -19.15 0.12
CA ARG A 10 -3.31 -18.72 1.00
C ARG A 10 -4.43 -19.73 0.82
N LEU A 11 -4.99 -20.19 1.94
CA LEU A 11 -6.21 -21.03 1.98
C LEU A 11 -7.23 -20.29 2.83
N GLY A 12 -8.44 -20.14 2.28
CA GLY A 12 -9.62 -19.62 2.98
C GLY A 12 -10.74 -20.64 2.94
N VAL A 13 -11.38 -20.87 4.09
CA VAL A 13 -12.52 -21.83 4.29
C VAL A 13 -13.68 -21.05 4.90
N SER A 14 -14.87 -21.16 4.32
CA SER A 14 -16.11 -20.54 4.82
C SER A 14 -16.78 -21.51 5.80
N ASP A 15 -17.37 -20.99 6.89
CA ASP A 15 -18.05 -21.81 7.91
C ASP A 15 -17.16 -22.97 8.32
N PRO A 16 -15.93 -22.70 8.85
CA PRO A 16 -15.07 -23.78 9.30
C PRO A 16 -15.60 -24.39 10.61
N ILE A 17 -15.26 -25.65 10.87
CA ILE A 17 -15.59 -26.35 12.16
C ILE A 17 -14.79 -25.72 13.29
N HIS A 18 -15.21 -25.93 14.54
CA HIS A 18 -14.50 -25.56 15.80
C HIS A 18 -12.99 -25.82 15.67
N GLY A 19 -12.18 -24.75 15.73
CA GLY A 19 -10.71 -24.84 15.82
C GLY A 19 -10.02 -24.53 14.49
N VAL A 20 -10.41 -25.20 13.41
CA VAL A 20 -9.85 -25.05 12.03
C VAL A 20 -9.91 -23.56 11.63
N PRO A 21 -8.76 -22.94 11.26
CA PRO A 21 -8.76 -21.52 10.90
C PRO A 21 -9.50 -21.24 9.59
N GLU A 22 -10.24 -20.13 9.53
CA GLU A 22 -10.92 -19.73 8.27
C GLU A 22 -9.87 -19.27 7.24
N PHE A 23 -8.68 -18.94 7.71
CA PHE A 23 -7.61 -18.48 6.79
C PHE A 23 -6.23 -18.98 7.24
N ILE A 24 -5.45 -19.48 6.29
CA ILE A 24 -4.08 -19.94 6.58
C ILE A 24 -3.14 -19.51 5.45
N SER A 25 -1.94 -19.06 5.78
CA SER A 25 -0.94 -18.68 4.77
C SER A 25 0.43 -19.25 5.18
N VAL A 26 1.14 -19.79 4.19
CA VAL A 26 2.47 -20.41 4.38
C VAL A 26 3.34 -20.05 3.18
N GLY A 27 4.59 -19.70 3.45
CA GLY A 27 5.65 -19.56 2.45
C GLY A 27 6.60 -20.73 2.48
N TYR A 28 7.08 -21.12 1.30
CA TYR A 28 8.08 -22.18 1.05
C TYR A 28 9.19 -21.62 0.17
N VAL A 29 10.44 -21.98 0.49
CA VAL A 29 11.57 -21.95 -0.48
C VAL A 29 11.88 -23.41 -0.83
N ASP A 30 11.83 -23.79 -2.11
CA ASP A 30 11.87 -25.20 -2.53
C ASP A 30 10.81 -25.93 -1.68
N SER A 31 11.15 -27.07 -1.08
CA SER A 31 10.16 -27.89 -0.34
C SER A 31 10.10 -27.45 1.13
N HIS A 32 10.94 -26.53 1.59
CA HIS A 32 11.01 -26.09 3.01
C HIS A 32 9.96 -25.02 3.30
N PRO A 33 9.19 -25.11 4.41
CA PRO A 33 8.34 -24.01 4.80
C PRO A 33 9.18 -22.94 5.50
N ILE A 34 8.97 -21.66 5.17
CA ILE A 34 9.76 -20.54 5.74
C ILE A 34 8.88 -19.64 6.63
N THR A 35 7.59 -19.53 6.34
CA THR A 35 6.68 -18.62 7.09
C THR A 35 5.31 -19.27 7.29
N THR A 36 4.57 -18.81 8.30
CA THR A 36 3.17 -19.22 8.55
C THR A 36 2.41 -18.08 9.22
N TYR A 37 1.10 -18.06 8.92
CA TYR A 37 0.17 -17.10 9.53
C TYR A 37 -1.21 -17.74 9.47
N ASP A 38 -2.06 -17.50 10.47
CA ASP A 38 -3.44 -18.03 10.44
C ASP A 38 -4.40 -17.09 11.14
N SER A 39 -5.70 -17.29 10.93
CA SER A 39 -6.76 -16.45 11.52
C SER A 39 -6.81 -16.58 13.05
N VAL A 40 -6.17 -17.61 13.61
CA VAL A 40 -6.25 -17.85 15.08
C VAL A 40 -5.09 -17.14 15.76
N THR A 41 -3.87 -17.37 15.28
CA THR A 41 -2.69 -16.69 15.84
C THR A 41 -2.67 -15.23 15.39
N ARG A 42 -3.21 -14.94 14.22
CA ARG A 42 -3.15 -13.56 13.67
CA ARG A 42 -3.16 -13.56 13.67
C ARG A 42 -1.72 -12.97 13.75
N GLN A 43 -0.77 -13.85 13.46
CA GLN A 43 0.64 -13.39 13.50
C GLN A 43 1.51 -14.12 12.47
N LYS A 44 2.29 -13.37 11.68
CA LYS A 44 3.29 -14.01 10.78
C LYS A 44 4.45 -14.50 11.65
N GLU A 45 4.76 -15.79 11.56
CA GLU A 45 5.89 -16.39 12.31
C GLU A 45 6.80 -17.12 11.33
N PRO A 46 8.11 -17.18 11.65
CA PRO A 46 9.05 -18.01 10.89
C PRO A 46 8.86 -19.52 11.14
N ARG A 47 9.01 -20.33 10.09
CA ARG A 47 8.88 -21.82 10.15
C ARG A 47 10.26 -22.48 10.01
N ALA A 48 11.32 -21.69 9.87
CA ALA A 48 12.73 -22.15 9.80
C ALA A 48 13.60 -21.21 10.63
N PRO A 49 14.59 -21.72 11.41
CA PRO A 49 15.40 -20.87 12.28
C PRO A 49 16.22 -19.82 11.52
N TRP A 50 16.69 -20.16 10.31
CA TRP A 50 17.56 -19.32 9.46
C TRP A 50 16.76 -18.12 8.91
N MET A 51 15.43 -18.24 8.84
CA MET A 51 14.51 -17.09 8.68
C MET A 51 14.52 -16.29 9.98
N ALA A 52 14.17 -16.94 11.09
CA ALA A 52 14.03 -16.32 12.44
C ALA A 52 15.30 -15.52 12.79
N GLU A 53 16.47 -15.96 12.36
CA GLU A 53 17.78 -15.43 12.85
C GLU A 53 18.17 -14.19 12.06
N ASN A 54 17.71 -14.08 10.81
CA ASN A 54 18.21 -13.09 9.82
C ASN A 54 17.18 -11.97 9.59
N LEU A 55 15.90 -12.18 9.90
CA LEU A 55 14.85 -11.15 9.73
C LEU A 55 14.49 -10.56 11.10
N ALA A 56 14.73 -9.26 11.26
CA ALA A 56 14.43 -8.46 12.47
C ALA A 56 12.95 -8.55 12.82
N PRO A 57 12.59 -8.30 14.11
CA PRO A 57 11.19 -8.15 14.53
C PRO A 57 10.33 -7.26 13.63
N ASP A 58 10.92 -6.17 13.12
CA ASP A 58 10.24 -5.12 12.29
C ASP A 58 9.56 -5.83 11.11
N HIS A 59 10.26 -6.78 10.48
CA HIS A 59 9.76 -7.56 9.32
C HIS A 59 8.49 -8.32 9.70
N TRP A 60 8.51 -9.11 10.78
CA TRP A 60 7.36 -9.95 11.22
C TRP A 60 6.17 -9.05 11.62
N GLU A 61 6.43 -7.91 12.27
CA GLU A 61 5.43 -6.88 12.64
C GLU A 61 4.73 -6.37 11.36
N ARG A 62 5.49 -5.92 10.37
CA ARG A 62 4.94 -5.32 9.12
C ARG A 62 4.15 -6.38 8.37
N TYR A 63 4.71 -7.57 8.17
CA TYR A 63 3.99 -8.58 7.33
C TYR A 63 2.81 -9.12 8.12
N THR A 64 2.89 -9.11 9.44
CA THR A 64 1.72 -9.48 10.26
C THR A 64 0.52 -8.65 9.78
N GLN A 65 0.71 -7.33 9.69
CA GLN A 65 -0.39 -6.37 9.37
C GLN A 65 -0.83 -6.60 7.93
N LEU A 66 0.09 -6.79 7.00
CA LEU A 66 -0.28 -7.07 5.59
C LEU A 66 -1.17 -8.32 5.53
N LEU A 67 -0.83 -9.36 6.29
CA LEU A 67 -1.58 -10.64 6.26
C LEU A 67 -2.96 -10.45 6.89
N ARG A 68 -3.05 -9.60 7.92
CA ARG A 68 -4.35 -9.25 8.54
C ARG A 68 -5.24 -8.62 7.46
N GLY A 69 -4.68 -7.76 6.61
CA GLY A 69 -5.37 -7.16 5.46
C GLY A 69 -5.78 -8.23 4.48
N TRP A 70 -4.81 -9.04 4.04
CA TRP A 70 -5.06 -10.11 3.03
C TRP A 70 -6.12 -11.11 3.53
N GLN A 71 -6.12 -11.43 4.83
CA GLN A 71 -7.14 -12.32 5.46
C GLN A 71 -8.54 -11.75 5.25
N GLN A 72 -8.72 -10.46 5.50
CA GLN A 72 -10.03 -9.78 5.36
C GLN A 72 -10.46 -9.82 3.88
N MET A 73 -9.55 -9.49 2.97
CA MET A 73 -9.79 -9.50 1.51
C MET A 73 -10.21 -10.93 1.07
N PHE A 74 -9.46 -11.93 1.52
CA PHE A 74 -9.75 -13.35 1.21
C PHE A 74 -11.19 -13.67 1.63
N LYS A 75 -11.55 -13.32 2.87
CA LYS A 75 -12.93 -13.57 3.40
C LYS A 75 -13.97 -12.96 2.46
N VAL A 76 -13.75 -11.73 1.98
CA VAL A 76 -14.74 -11.00 1.14
C VAL A 76 -14.77 -11.63 -0.25
N GLU A 77 -13.60 -11.96 -0.81
CA GLU A 77 -13.47 -12.59 -2.15
C GLU A 77 -14.21 -13.94 -2.17
N LEU A 78 -14.05 -14.79 -1.14
CA LEU A 78 -14.74 -16.12 -1.06
C LEU A 78 -16.24 -15.92 -0.98
N LYS A 79 -16.69 -15.06 -0.06
CA LYS A 79 -18.13 -14.78 0.16
C LYS A 79 -18.78 -14.35 -1.16
N ARG A 80 -18.08 -13.51 -1.94
CA ARG A 80 -18.57 -13.01 -3.26
C ARG A 80 -18.69 -14.18 -4.26
N LEU A 81 -17.69 -15.07 -4.29
CA LEU A 81 -17.69 -16.21 -5.25
C LEU A 81 -18.87 -17.15 -4.93
N GLN A 82 -19.11 -17.42 -3.64
CA GLN A 82 -20.24 -18.27 -3.14
C GLN A 82 -21.58 -17.64 -3.58
N ARG A 83 -21.67 -16.31 -3.60
CA ARG A 83 -22.88 -15.57 -4.04
C ARG A 83 -23.05 -15.78 -5.56
N HIS A 84 -21.99 -15.64 -6.35
CA HIS A 84 -22.00 -15.81 -7.83
C HIS A 84 -22.47 -17.23 -8.20
N TYR A 85 -21.92 -18.26 -7.55
CA TYR A 85 -22.24 -19.69 -7.84
C TYR A 85 -23.58 -20.10 -7.22
N ASN A 86 -24.06 -19.35 -6.20
CA ASN A 86 -25.25 -19.68 -5.39
C ASN A 86 -24.94 -20.89 -4.52
N HIS A 87 -23.77 -20.87 -3.89
CA HIS A 87 -23.25 -21.94 -3.01
C HIS A 87 -23.45 -21.52 -1.56
N SER A 88 -24.05 -22.41 -0.78
CA SER A 88 -24.20 -22.36 0.69
C SER A 88 -23.25 -23.40 1.29
N GLY A 89 -23.20 -23.52 2.61
CA GLY A 89 -22.27 -24.42 3.31
C GLY A 89 -20.84 -23.94 3.11
N SER A 90 -19.88 -24.78 3.49
CA SER A 90 -18.42 -24.53 3.44
C SER A 90 -17.87 -24.76 2.03
N HIS A 91 -17.08 -23.83 1.52
CA HIS A 91 -16.29 -23.91 0.27
C HIS A 91 -14.87 -23.42 0.56
N THR A 92 -13.89 -23.77 -0.28
CA THR A 92 -12.49 -23.30 -0.14
C THR A 92 -12.08 -22.34 -1.25
N TYR A 93 -11.15 -21.44 -0.94
CA TYR A 93 -10.50 -20.52 -1.89
C TYR A 93 -9.00 -20.63 -1.66
N GLN A 94 -8.22 -20.70 -2.72
CA GLN A 94 -6.75 -20.85 -2.59
C GLN A 94 -6.07 -19.88 -3.57
N ARG A 95 -4.90 -19.41 -3.18
CA ARG A 95 -4.00 -18.56 -3.99
C ARG A 95 -2.60 -19.14 -3.88
N MET A 96 -1.89 -19.21 -5.00
CA MET A 96 -0.45 -19.52 -5.02
C MET A 96 0.26 -18.47 -5.87
N ILE A 97 1.28 -17.85 -5.31
CA ILE A 97 2.14 -16.91 -6.06
C ILE A 97 3.59 -17.35 -5.88
N GLY A 98 4.42 -17.11 -6.89
CA GLY A 98 5.84 -17.45 -6.74
C GLY A 98 6.64 -17.22 -7.99
N CYS A 99 7.94 -17.49 -7.87
CA CYS A 99 8.98 -17.37 -8.90
C CYS A 99 9.95 -18.56 -8.78
N GLU A 100 10.58 -18.93 -9.89
CA GLU A 100 11.76 -19.82 -9.93
C GLU A 100 12.96 -18.99 -10.38
N LEU A 101 14.09 -19.16 -9.71
CA LEU A 101 15.45 -18.78 -10.20
C LEU A 101 16.16 -20.06 -10.70
N LEU A 102 16.37 -20.19 -12.02
CA LEU A 102 17.10 -21.32 -12.64
C LEU A 102 18.61 -21.04 -12.59
N GLU A 103 19.42 -22.07 -12.91
CA GLU A 103 20.90 -22.03 -12.83
C GLU A 103 21.43 -21.14 -13.96
N ASP A 104 20.83 -21.17 -15.15
CA ASP A 104 21.24 -20.34 -16.32
C ASP A 104 21.04 -18.85 -16.03
N GLY A 105 20.40 -18.50 -14.90
CA GLY A 105 20.19 -17.11 -14.46
C GLY A 105 18.78 -16.62 -14.73
N SER A 106 18.04 -17.31 -15.61
CA SER A 106 16.67 -16.96 -16.10
C SER A 106 15.62 -17.21 -14.99
N THR A 107 14.38 -16.78 -15.21
CA THR A 107 13.34 -16.74 -14.15
C THR A 107 11.97 -17.13 -14.70
N THR A 108 11.05 -17.50 -13.81
CA THR A 108 9.62 -17.69 -14.10
C THR A 108 8.85 -17.04 -12.97
N GLY A 109 7.60 -16.69 -13.20
CA GLY A 109 6.69 -16.24 -12.14
C GLY A 109 5.26 -16.61 -12.47
N PHE A 110 4.44 -16.84 -11.46
CA PHE A 110 3.09 -17.41 -11.64
C PHE A 110 2.22 -16.96 -10.46
N LEU A 111 0.92 -16.89 -10.73
CA LEU A 111 -0.12 -16.47 -9.78
C LEU A 111 -1.38 -17.17 -10.22
N GLN A 112 -2.01 -17.95 -9.34
CA GLN A 112 -3.28 -18.60 -9.68
C GLN A 112 -4.14 -18.73 -8.44
N TYR A 113 -5.42 -18.99 -8.70
CA TYR A 113 -6.49 -19.14 -7.69
C TYR A 113 -7.23 -20.42 -7.99
N ALA A 114 -7.69 -21.09 -6.94
CA ALA A 114 -8.58 -22.28 -7.02
C ALA A 114 -9.80 -22.06 -6.12
N TYR A 115 -10.94 -22.53 -6.63
CA TYR A 115 -12.22 -22.61 -5.90
C TYR A 115 -12.57 -24.10 -5.75
N ASP A 116 -12.72 -24.54 -4.49
CA ASP A 116 -12.90 -25.97 -4.10
C ASP A 116 -11.81 -26.82 -4.77
N GLY A 117 -10.55 -26.40 -4.65
CA GLY A 117 -9.36 -27.15 -5.05
C GLY A 117 -9.23 -27.35 -6.57
N GLN A 118 -10.01 -26.64 -7.38
CA GLN A 118 -9.93 -26.64 -8.86
C GLN A 118 -9.49 -25.24 -9.38
N ASP A 119 -8.62 -25.23 -10.39
CA ASP A 119 -8.16 -24.03 -11.15
C ASP A 119 -9.35 -23.13 -11.45
N PHE A 120 -9.27 -21.87 -11.01
CA PHE A 120 -10.31 -20.84 -11.19
C PHE A 120 -9.75 -19.73 -12.08
N LEU A 121 -8.68 -19.05 -11.65
CA LEU A 121 -8.02 -17.96 -12.43
C LEU A 121 -6.51 -18.17 -12.45
N ILE A 122 -5.92 -18.13 -13.65
CA ILE A 122 -4.45 -18.18 -13.87
C ILE A 122 -4.00 -16.89 -14.56
N PHE A 123 -2.90 -16.32 -14.06
CA PHE A 123 -2.33 -15.06 -14.53
C PHE A 123 -1.24 -15.36 -15.56
N ASN A 124 -1.19 -14.50 -16.59
CA ASN A 124 -0.09 -14.46 -17.59
C ASN A 124 0.57 -13.10 -17.48
N LYS A 125 1.79 -13.03 -16.96
CA LYS A 125 2.49 -11.74 -16.71
C LYS A 125 3.08 -11.19 -18.01
N ASP A 126 3.02 -11.93 -19.11
CA ASP A 126 3.60 -11.47 -20.41
C ASP A 126 2.52 -10.82 -21.25
N THR A 127 1.32 -11.42 -21.30
CA THR A 127 0.14 -10.86 -22.01
C THR A 127 -0.68 -10.00 -21.05
N LEU A 128 -0.31 -9.93 -19.77
CA LEU A 128 -1.00 -9.12 -18.72
C LEU A 128 -2.49 -9.44 -18.72
N SER A 129 -2.83 -10.72 -18.76
CA SER A 129 -4.23 -11.21 -18.85
C SER A 129 -4.46 -12.39 -17.90
N TRP A 130 -5.73 -12.63 -17.61
CA TRP A 130 -6.21 -13.70 -16.72
C TRP A 130 -7.00 -14.75 -17.53
N LEU A 131 -6.62 -16.01 -17.39
CA LEU A 131 -7.37 -17.15 -17.98
C LEU A 131 -8.43 -17.56 -16.94
N ALA A 132 -9.71 -17.54 -17.35
CA ALA A 132 -10.89 -17.93 -16.54
C ALA A 132 -11.39 -19.30 -17.03
N VAL A 133 -11.87 -20.17 -16.12
CA VAL A 133 -12.36 -21.54 -16.45
C VAL A 133 -13.88 -21.57 -16.68
N ASP A 134 -14.66 -20.66 -16.08
CA ASP A 134 -16.14 -20.59 -16.26
C ASP A 134 -16.61 -19.12 -16.40
N ASN A 135 -17.92 -18.90 -16.49
CA ASN A 135 -18.58 -17.56 -16.63
C ASN A 135 -18.31 -16.70 -15.39
N VAL A 136 -18.24 -17.30 -14.19
CA VAL A 136 -18.09 -16.58 -12.89
C VAL A 136 -16.64 -16.06 -12.77
N ALA A 137 -15.67 -16.83 -13.25
CA ALA A 137 -14.25 -16.45 -13.26
C ALA A 137 -14.03 -15.36 -14.32
N HIS A 138 -14.64 -15.55 -15.50
CA HIS A 138 -14.65 -14.51 -16.57
C HIS A 138 -15.11 -13.18 -15.98
N THR A 139 -16.15 -13.17 -15.15
CA THR A 139 -16.66 -11.95 -14.49
C THR A 139 -15.53 -11.31 -13.69
N ILE A 140 -14.82 -12.08 -12.87
CA ILE A 140 -13.75 -11.54 -11.97
C ILE A 140 -12.59 -11.04 -12.83
N LYS A 141 -12.20 -11.84 -13.82
CA LYS A 141 -11.16 -11.50 -14.82
C LYS A 141 -11.38 -10.09 -15.40
N GLN A 142 -12.62 -9.66 -15.67
CA GLN A 142 -12.94 -8.39 -16.38
C GLN A 142 -12.61 -7.20 -15.47
N ALA A 143 -13.12 -7.19 -14.25
CA ALA A 143 -12.77 -6.16 -13.23
C ALA A 143 -11.24 -6.01 -13.17
N TRP A 144 -10.51 -7.14 -13.03
CA TRP A 144 -9.03 -7.18 -12.82
C TRP A 144 -8.29 -6.66 -14.06
N GLU A 145 -8.80 -6.94 -15.26
CA GLU A 145 -8.09 -6.59 -16.53
C GLU A 145 -8.31 -5.11 -16.85
N ALA A 146 -9.27 -4.44 -16.22
CA ALA A 146 -9.61 -3.01 -16.43
C ALA A 146 -8.65 -2.13 -15.63
N ASN A 147 -8.03 -2.71 -14.61
CA ASN A 147 -7.03 -2.06 -13.72
C ASN A 147 -5.62 -2.34 -14.25
N GLN A 148 -5.22 -1.59 -15.27
CA GLN A 148 -3.91 -1.71 -15.96
C GLN A 148 -2.78 -1.56 -14.93
N HIS A 149 -2.89 -0.66 -13.95
CA HIS A 149 -1.85 -0.41 -12.92
C HIS A 149 -1.63 -1.65 -12.03
N GLU A 150 -2.71 -2.32 -11.63
CA GLU A 150 -2.63 -3.52 -10.78
C GLU A 150 -1.90 -4.64 -11.54
N LEU A 151 -2.24 -4.88 -12.81
CA LEU A 151 -1.61 -5.94 -13.61
C LEU A 151 -0.10 -5.65 -13.68
N LEU A 152 0.27 -4.39 -13.91
CA LEU A 152 1.70 -4.00 -14.03
C LEU A 152 2.40 -4.20 -12.68
N TYR A 153 1.77 -3.81 -11.58
CA TYR A 153 2.30 -4.04 -10.21
C TYR A 153 2.61 -5.54 -10.03
N GLN A 154 1.69 -6.44 -10.45
CA GLN A 154 1.82 -7.92 -10.32
C GLN A 154 3.02 -8.42 -11.12
N LYS A 155 3.10 -8.02 -12.38
CA LYS A 155 4.22 -8.36 -13.28
C LYS A 155 5.51 -7.95 -12.59
N ASN A 156 5.61 -6.70 -12.13
CA ASN A 156 6.84 -6.22 -11.45
C ASN A 156 7.17 -7.11 -10.25
N TRP A 157 6.17 -7.40 -9.41
CA TRP A 157 6.42 -8.14 -8.15
C TRP A 157 6.96 -9.54 -8.49
N LEU A 158 6.31 -10.20 -9.44
CA LEU A 158 6.68 -11.55 -9.90
C LEU A 158 8.12 -11.55 -10.44
N GLU A 159 8.49 -10.55 -11.23
CA GLU A 159 9.74 -10.59 -12.05
C GLU A 159 10.93 -10.06 -11.24
N GLU A 160 10.70 -9.16 -10.27
CA GLU A 160 11.80 -8.41 -9.60
C GLU A 160 11.79 -8.69 -8.09
N GLU A 161 10.67 -8.41 -7.43
CA GLU A 161 10.59 -8.43 -5.96
C GLU A 161 10.67 -9.88 -5.48
N CYS A 162 9.82 -10.76 -6.01
CA CYS A 162 9.77 -12.20 -5.67
C CYS A 162 11.20 -12.73 -5.77
N ILE A 163 11.88 -12.44 -6.88
CA ILE A 163 13.23 -12.99 -7.20
C ILE A 163 14.28 -12.42 -6.23
N ALA A 164 14.14 -11.15 -5.82
CA ALA A 164 15.04 -10.51 -4.85
C ALA A 164 14.83 -11.17 -3.49
N TRP A 165 13.57 -11.48 -3.15
CA TRP A 165 13.22 -12.10 -1.86
C TRP A 165 13.88 -13.49 -1.82
N LEU A 166 13.65 -14.28 -2.87
CA LEU A 166 14.21 -15.63 -3.10
C LEU A 166 15.73 -15.60 -2.89
N LYS A 167 16.45 -14.71 -3.58
CA LYS A 167 17.94 -14.68 -3.54
C LYS A 167 18.40 -14.34 -2.12
N ARG A 168 17.60 -13.57 -1.39
CA ARG A 168 17.90 -13.14 0.01
C ARG A 168 17.73 -14.33 0.95
N PHE A 169 16.64 -15.07 0.81
CA PHE A 169 16.31 -16.27 1.64
C PHE A 169 17.32 -17.39 1.31
N LEU A 170 17.65 -17.61 0.03
CA LEU A 170 18.65 -18.61 -0.44
C LEU A 170 19.98 -18.38 0.28
N GLU A 171 20.36 -17.13 0.54
CA GLU A 171 21.58 -16.79 1.30
C GLU A 171 21.37 -17.17 2.76
N TYR A 172 20.25 -16.74 3.34
CA TYR A 172 19.95 -16.92 4.79
C TYR A 172 20.00 -18.41 5.15
N GLY A 173 19.51 -19.29 4.26
CA GLY A 173 19.41 -20.74 4.46
C GLY A 173 20.37 -21.56 3.59
N LYS A 174 21.51 -21.01 3.20
CA LYS A 174 22.39 -21.63 2.17
C LYS A 174 22.83 -23.02 2.65
N ASP A 175 23.10 -23.17 3.95
CA ASP A 175 23.58 -24.43 4.57
C ASP A 175 22.50 -25.50 4.46
N THR A 176 21.23 -25.14 4.53
CA THR A 176 20.10 -26.10 4.37
C THR A 176 19.78 -26.22 2.88
N LEU A 177 19.62 -25.11 2.15
CA LEU A 177 18.94 -25.08 0.83
C LEU A 177 19.90 -25.43 -0.32
N GLN A 178 21.20 -25.19 -0.15
CA GLN A 178 22.21 -25.35 -1.22
C GLN A 178 23.16 -26.51 -0.93
N ARG A 179 22.93 -27.25 0.16
CA ARG A 179 23.74 -28.45 0.53
C ARG A 179 23.34 -29.63 -0.36
N THR A 180 24.22 -30.63 -0.46
CA THR A 180 23.92 -31.94 -1.06
C THR A 180 24.14 -33.02 0.01
N GLU A 181 23.16 -33.92 0.18
CA GLU A 181 23.35 -35.22 0.87
C GLU A 181 23.17 -36.30 -0.19
N PRO A 182 24.26 -36.95 -0.63
CA PRO A 182 24.19 -37.93 -1.73
C PRO A 182 23.30 -39.10 -1.34
N PRO A 183 22.66 -39.78 -2.32
CA PRO A 183 21.78 -40.90 -2.01
C PRO A 183 22.60 -42.17 -1.73
N LEU A 184 22.18 -43.00 -0.75
CA LEU A 184 22.66 -44.40 -0.59
C LEU A 184 21.71 -45.27 -1.42
N VAL A 185 22.22 -45.93 -2.47
CA VAL A 185 21.42 -46.63 -3.52
C VAL A 185 21.80 -48.11 -3.53
N ARG A 186 20.83 -49.03 -3.45
CA ARG A 186 21.03 -50.51 -3.39
C ARG A 186 19.97 -51.20 -4.28
N VAL A 187 20.26 -52.41 -4.77
CA VAL A 187 19.35 -53.20 -5.66
C VAL A 187 18.97 -54.51 -4.95
N ASN A 188 17.66 -54.76 -4.80
CA ASN A 188 17.11 -55.97 -4.13
C ASN A 188 16.48 -56.87 -5.18
N ARG A 189 16.86 -58.15 -5.19
CA ARG A 189 16.12 -59.22 -5.89
C ARG A 189 14.90 -59.56 -5.02
N LYS A 190 13.75 -59.78 -5.65
CA LYS A 190 12.51 -60.31 -5.00
C LYS A 190 11.84 -61.28 -5.97
N GLU A 191 11.41 -62.45 -5.49
CA GLU A 191 10.62 -63.44 -6.28
C GLU A 191 9.14 -63.10 -6.10
N THR A 192 8.67 -62.03 -6.74
CA THR A 192 7.30 -61.44 -6.60
C THR A 192 6.26 -62.55 -6.51
N PHE A 193 6.36 -63.54 -7.39
CA PHE A 193 5.52 -64.77 -7.41
C PHE A 193 6.45 -65.95 -7.70
N PRO A 194 6.04 -67.22 -7.46
CA PRO A 194 6.87 -68.37 -7.88
C PRO A 194 7.22 -68.34 -9.38
N GLY A 195 8.51 -68.43 -9.72
CA GLY A 195 9.06 -68.45 -11.10
C GLY A 195 9.20 -67.07 -11.76
N VAL A 196 8.88 -65.97 -11.07
CA VAL A 196 8.97 -64.59 -11.65
C VAL A 196 9.75 -63.68 -10.69
N THR A 197 10.90 -63.18 -11.16
CA THR A 197 11.85 -62.30 -10.43
C THR A 197 11.66 -60.84 -10.89
N ALA A 198 11.42 -59.94 -9.92
CA ALA A 198 11.41 -58.46 -10.07
C ALA A 198 12.65 -57.87 -9.39
N LEU A 199 13.21 -56.78 -9.94
CA LEU A 199 14.40 -56.06 -9.40
C LEU A 199 13.92 -54.71 -8.83
N PHE A 200 14.42 -54.33 -7.65
CA PHE A 200 14.06 -53.09 -6.93
C PHE A 200 15.32 -52.23 -6.76
N CYS A 201 15.35 -51.06 -7.41
CA CYS A 201 16.43 -50.04 -7.24
C CYS A 201 15.94 -49.00 -6.23
N LYS A 202 16.51 -48.98 -5.03
CA LYS A 202 16.06 -48.14 -3.90
C LYS A 202 17.13 -47.10 -3.57
N ALA A 203 16.72 -45.86 -3.30
CA ALA A 203 17.60 -44.77 -2.85
C ALA A 203 17.04 -44.18 -1.56
N HIS A 204 17.89 -43.76 -0.63
CA HIS A 204 17.42 -42.95 0.52
C HIS A 204 18.57 -42.17 1.14
N GLY A 205 18.22 -41.24 2.04
CA GLY A 205 19.15 -40.31 2.70
C GLY A 205 19.53 -39.11 1.83
N PHE A 206 18.80 -38.83 0.74
CA PHE A 206 19.23 -37.79 -0.24
C PHE A 206 18.46 -36.49 -0.07
N TYR A 207 19.15 -35.40 -0.40
CA TYR A 207 18.63 -34.02 -0.55
C TYR A 207 19.49 -33.33 -1.60
N PRO A 208 18.94 -32.47 -2.48
CA PRO A 208 17.50 -32.20 -2.56
C PRO A 208 16.65 -33.38 -3.03
N PRO A 209 15.30 -33.30 -2.91
CA PRO A 209 14.43 -34.43 -3.24
C PRO A 209 14.33 -34.82 -4.73
N GLU A 210 14.69 -33.92 -5.66
CA GLU A 210 14.71 -34.22 -7.12
C GLU A 210 15.80 -35.26 -7.42
N ILE A 211 15.40 -36.36 -8.06
CA ILE A 211 16.24 -37.54 -8.40
C ILE A 211 15.67 -38.19 -9.66
N TYR A 212 16.53 -38.60 -10.60
CA TYR A 212 16.16 -39.41 -11.79
C TYR A 212 16.60 -40.86 -11.53
N MET A 213 15.64 -41.80 -11.58
CA MET A 213 15.90 -43.27 -11.43
C MET A 213 15.22 -44.01 -12.59
N THR A 214 15.98 -44.78 -13.36
CA THR A 214 15.42 -45.67 -14.40
C THR A 214 16.20 -46.98 -14.43
N TRP A 215 15.58 -47.99 -15.03
CA TRP A 215 16.15 -49.29 -15.39
C TRP A 215 16.48 -49.29 -16.89
N MET A 216 17.71 -49.65 -17.22
CA MET A 216 18.10 -49.75 -18.65
C MET A 216 18.60 -51.17 -18.89
N LYS A 217 18.71 -51.57 -20.15
CA LYS A 217 19.15 -52.94 -20.47
C LYS A 217 20.25 -52.87 -21.52
N ASN A 218 21.28 -53.70 -21.37
CA ASN A 218 22.37 -53.74 -22.37
C ASN A 218 22.62 -52.31 -22.90
N GLU A 221 19.42 -48.13 -23.71
CA GLU A 221 18.19 -48.92 -23.96
C GLU A 221 17.29 -48.86 -22.72
N ILE A 222 16.41 -47.87 -22.66
CA ILE A 222 15.48 -47.71 -21.49
C ILE A 222 14.61 -48.97 -21.43
N VAL A 223 13.97 -49.29 -20.30
CA VAL A 223 13.05 -50.47 -20.21
C VAL A 223 11.61 -49.96 -20.06
N GLN A 224 10.65 -50.66 -20.69
CA GLN A 224 9.19 -50.44 -20.57
C GLN A 224 8.66 -51.30 -19.41
N GLU A 225 7.50 -50.91 -18.88
CA GLU A 225 6.85 -51.50 -17.68
C GLU A 225 7.74 -51.25 -16.45
N ILE A 226 8.24 -50.03 -16.28
CA ILE A 226 8.92 -49.56 -15.03
C ILE A 226 7.83 -49.04 -14.09
N ASP A 227 7.75 -49.60 -12.89
CA ASP A 227 6.90 -49.13 -11.76
C ASP A 227 7.76 -48.23 -10.86
N TYR A 228 7.22 -47.11 -10.40
CA TYR A 228 7.93 -46.03 -9.65
C TYR A 228 7.29 -45.86 -8.28
N GLY A 229 8.11 -45.84 -7.22
CA GLY A 229 7.73 -45.29 -5.90
C GLY A 229 7.76 -43.77 -5.98
N ASP A 230 6.94 -43.08 -5.17
CA ASP A 230 7.02 -41.60 -5.08
C ASP A 230 8.33 -41.20 -4.39
N ILE A 231 8.73 -39.93 -4.51
CA ILE A 231 9.84 -39.30 -3.71
C ILE A 231 9.20 -38.90 -2.38
N LEU A 232 9.56 -39.58 -1.29
CA LEU A 232 8.90 -39.46 0.04
C LEU A 232 9.88 -38.91 1.07
N PRO A 233 9.38 -38.09 2.03
CA PRO A 233 10.23 -37.49 3.07
C PRO A 233 10.49 -38.55 4.14
N SER A 234 11.74 -38.63 4.60
CA SER A 234 12.25 -39.61 5.58
C SER A 234 12.00 -39.10 7.02
N GLY A 235 11.77 -37.78 7.18
CA GLY A 235 11.43 -37.13 8.46
C GLY A 235 12.62 -36.40 9.05
N ASP A 236 13.84 -36.67 8.56
CA ASP A 236 15.12 -36.08 9.06
C ASP A 236 15.59 -34.98 8.09
N GLY A 237 14.73 -34.56 7.17
CA GLY A 237 15.06 -33.58 6.12
C GLY A 237 15.65 -34.22 4.87
N THR A 238 15.78 -35.55 4.82
CA THR A 238 16.21 -36.28 3.60
C THR A 238 15.01 -37.04 3.01
N TYR A 239 15.20 -37.68 1.86
CA TYR A 239 14.15 -38.33 1.04
C TYR A 239 14.61 -39.73 0.59
N GLN A 240 13.63 -40.55 0.24
CA GLN A 240 13.82 -41.93 -0.28
C GLN A 240 12.89 -42.20 -1.46
N ALA A 241 13.28 -43.10 -2.37
CA ALA A 241 12.49 -43.42 -3.58
C ALA A 241 13.04 -44.67 -4.22
N TRP A 242 12.27 -45.30 -5.12
CA TRP A 242 12.67 -46.57 -5.78
C TRP A 242 12.04 -46.69 -7.18
N ALA A 243 12.58 -47.59 -7.99
CA ALA A 243 12.11 -47.97 -9.34
C ALA A 243 12.24 -49.48 -9.48
N SER A 244 11.18 -50.18 -9.93
CA SER A 244 11.18 -51.67 -10.08
C SER A 244 10.81 -52.04 -11.52
N ILE A 245 11.43 -53.13 -11.99
CA ILE A 245 11.12 -53.86 -13.26
C ILE A 245 10.94 -55.34 -12.92
N GLU A 246 10.34 -56.08 -13.85
CA GLU A 246 10.11 -57.56 -13.77
C GLU A 246 10.90 -58.23 -14.90
N LEU A 247 11.63 -59.28 -14.57
CA LEU A 247 12.50 -59.99 -15.54
C LEU A 247 11.67 -61.01 -16.32
N ASP A 248 11.21 -60.63 -17.52
CA ASP A 248 10.79 -61.60 -18.57
C ASP A 248 11.66 -62.84 -18.46
N PRO A 249 11.11 -64.04 -18.17
CA PRO A 249 11.93 -65.24 -17.97
C PRO A 249 12.70 -65.57 -19.27
N GLN A 250 13.77 -66.35 -19.15
CA GLN A 250 14.65 -66.78 -20.28
C GLN A 250 14.96 -65.58 -21.19
N SER A 251 15.19 -64.40 -20.60
CA SER A 251 15.74 -63.18 -21.26
C SER A 251 17.26 -63.18 -21.09
N SER A 252 17.71 -63.42 -19.84
CA SER A 252 19.13 -63.44 -19.40
C SER A 252 19.85 -62.20 -19.94
N ASN A 253 19.11 -61.10 -20.15
CA ASN A 253 19.69 -59.85 -20.70
C ASN A 253 20.42 -59.10 -19.58
N LEU A 254 21.22 -58.10 -19.95
CA LEU A 254 22.04 -57.39 -18.93
C LEU A 254 21.30 -56.14 -18.46
N TYR A 255 20.66 -56.22 -17.30
CA TYR A 255 19.87 -55.07 -16.78
C TYR A 255 20.72 -54.27 -15.79
N SER A 256 20.44 -52.95 -15.71
CA SER A 256 21.20 -52.03 -14.85
C SER A 256 20.30 -50.88 -14.36
N CYS A 257 20.50 -50.41 -13.12
CA CYS A 257 19.76 -49.25 -12.56
C CYS A 257 20.62 -47.97 -12.70
N HIS A 258 20.07 -46.92 -13.33
CA HIS A 258 20.72 -45.61 -13.52
C HIS A 258 20.09 -44.60 -12.56
N VAL A 259 20.90 -43.79 -11.89
CA VAL A 259 20.40 -42.76 -10.93
C VAL A 259 21.17 -41.47 -11.15
N GLU A 260 20.46 -40.35 -11.19
CA GLU A 260 21.07 -39.00 -11.30
C GLU A 260 20.50 -38.15 -10.19
N HIS A 261 21.38 -37.58 -9.37
CA HIS A 261 21.02 -36.66 -8.26
C HIS A 261 22.09 -35.58 -8.18
N SER A 262 21.67 -34.31 -8.26
CA SER A 262 22.48 -33.12 -7.90
C SER A 262 23.82 -33.13 -8.64
N GLY A 263 23.81 -33.45 -9.95
CA GLY A 263 25.00 -33.37 -10.81
C GLY A 263 25.93 -34.58 -10.71
N VAL A 264 25.45 -35.74 -10.25
CA VAL A 264 26.27 -37.01 -10.15
C VAL A 264 25.45 -38.16 -10.74
N HIS A 265 26.01 -38.90 -11.69
CA HIS A 265 25.36 -40.08 -12.33
CA HIS A 265 25.34 -40.09 -12.30
C HIS A 265 25.94 -41.37 -11.71
N MET A 266 25.08 -42.36 -11.39
CA MET A 266 25.45 -43.69 -10.80
C MET A 266 24.84 -44.80 -11.62
N VAL A 267 25.58 -45.89 -11.81
CA VAL A 267 25.12 -47.14 -12.50
C VAL A 267 25.35 -48.33 -11.55
N LEU A 268 24.27 -49.03 -11.16
CA LEU A 268 24.30 -50.30 -10.39
C LEU A 268 23.81 -51.44 -11.30
N GLN A 269 24.73 -52.26 -11.82
CA GLN A 269 24.41 -53.46 -12.63
C GLN A 269 24.14 -54.64 -11.69
N VAL A 270 23.32 -55.61 -12.15
CA VAL A 270 23.11 -56.94 -11.50
C VAL A 270 22.51 -57.89 -12.55
N MET B 1 -18.73 -30.32 -6.54
CA MET B 1 -17.29 -30.16 -6.24
C MET B 1 -16.56 -31.50 -6.36
N ILE B 2 -15.25 -31.45 -6.51
CA ILE B 2 -14.32 -32.61 -6.65
C ILE B 2 -13.55 -32.70 -5.34
N GLN B 3 -13.86 -33.71 -4.53
CA GLN B 3 -13.07 -34.09 -3.33
C GLN B 3 -12.00 -35.09 -3.79
N ARG B 4 -10.80 -35.00 -3.23
CA ARG B 4 -9.73 -36.02 -3.45
C ARG B 4 -9.46 -36.77 -2.13
N THR B 5 -9.60 -38.09 -2.16
CA THR B 5 -9.37 -38.96 -0.98
C THR B 5 -7.86 -39.05 -0.72
N PRO B 6 -7.39 -39.19 0.54
CA PRO B 6 -5.95 -39.29 0.80
C PRO B 6 -5.26 -40.52 0.18
N LYS B 7 -4.07 -40.28 -0.37
CA LYS B 7 -3.04 -41.31 -0.59
C LYS B 7 -2.30 -41.50 0.73
N ILE B 8 -2.15 -42.73 1.20
CA ILE B 8 -1.60 -43.04 2.55
C ILE B 8 -0.45 -44.02 2.38
N GLN B 9 0.77 -43.58 2.66
CA GLN B 9 2.00 -44.39 2.48
C GLN B 9 2.70 -44.48 3.85
N VAL B 10 2.88 -45.71 4.32
CA VAL B 10 3.50 -46.03 5.65
C VAL B 10 4.85 -46.69 5.35
N TYR B 11 5.90 -46.25 6.01
CA TYR B 11 7.29 -46.69 5.74
C TYR B 11 8.21 -46.11 6.81
N SER B 12 9.46 -46.62 6.83
CA SER B 12 10.47 -46.33 7.88
C SER B 12 11.58 -45.45 7.28
N ARG B 13 12.06 -44.51 8.09
CA ARG B 13 13.14 -43.53 7.80
C ARG B 13 14.37 -44.26 7.22
N HIS B 14 14.74 -45.38 7.84
CA HIS B 14 15.90 -46.22 7.45
C HIS B 14 15.39 -47.62 7.11
N PRO B 15 16.13 -48.39 6.29
CA PRO B 15 15.79 -49.80 6.08
C PRO B 15 15.64 -50.48 7.45
N ALA B 16 14.54 -51.22 7.66
CA ALA B 16 14.15 -51.81 8.96
C ALA B 16 15.06 -52.99 9.29
N GLU B 17 15.30 -53.21 10.58
CA GLU B 17 16.02 -54.38 11.15
C GLU B 17 15.48 -54.60 12.57
N ASN B 18 15.12 -55.85 12.91
CA ASN B 18 14.48 -56.18 14.22
C ASN B 18 15.46 -55.82 15.33
N GLY B 19 14.95 -55.20 16.40
CA GLY B 19 15.73 -54.74 17.57
C GLY B 19 16.44 -53.39 17.36
N LYS B 20 16.32 -52.76 16.17
CA LYS B 20 17.15 -51.58 15.77
C LYS B 20 16.30 -50.30 15.65
N SER B 21 16.61 -49.32 16.50
CA SER B 21 16.03 -47.95 16.57
C SER B 21 15.76 -47.41 15.17
N ASN B 22 14.58 -46.84 14.96
CA ASN B 22 14.14 -46.34 13.62
C ASN B 22 13.00 -45.34 13.84
N PHE B 23 12.40 -44.82 12.78
CA PHE B 23 11.19 -43.94 12.83
C PHE B 23 10.15 -44.54 11.87
N LEU B 24 8.89 -44.58 12.33
CA LEU B 24 7.74 -45.04 11.51
C LEU B 24 7.07 -43.80 10.91
N ASN B 25 6.94 -43.75 9.58
CA ASN B 25 6.47 -42.56 8.81
C ASN B 25 5.13 -42.89 8.14
N CYS B 26 4.12 -42.05 8.38
CA CYS B 26 2.86 -42.03 7.61
C CYS B 26 2.73 -40.67 6.91
N TYR B 27 2.77 -40.71 5.56
CA TYR B 27 2.68 -39.55 4.62
C TYR B 27 1.32 -39.62 3.92
N VAL B 28 0.47 -38.66 4.26
CA VAL B 28 -0.90 -38.49 3.69
C VAL B 28 -0.78 -37.34 2.69
N SER B 29 -1.16 -37.55 1.42
CA SER B 29 -1.03 -36.51 0.37
C SER B 29 -2.17 -36.57 -0.64
N GLY B 30 -2.28 -35.52 -1.45
CA GLY B 30 -3.18 -35.44 -2.63
C GLY B 30 -4.63 -35.34 -2.22
N PHE B 31 -4.93 -34.99 -0.95
CA PHE B 31 -6.33 -34.89 -0.47
C PHE B 31 -6.89 -33.44 -0.55
N HIS B 32 -8.22 -33.36 -0.64
CA HIS B 32 -9.03 -32.12 -0.61
C HIS B 32 -10.46 -32.45 -0.16
N PRO B 33 -11.08 -31.73 0.80
CA PRO B 33 -10.52 -30.54 1.44
C PRO B 33 -9.50 -30.89 2.54
N SER B 34 -9.21 -29.95 3.44
CA SER B 34 -7.96 -29.90 4.25
C SER B 34 -8.15 -30.62 5.60
N ASP B 35 -9.36 -30.72 6.12
CA ASP B 35 -9.62 -31.31 7.46
C ASP B 35 -9.30 -32.80 7.37
N ILE B 36 -8.36 -33.28 8.20
CA ILE B 36 -7.93 -34.71 8.24
C ILE B 36 -7.50 -35.13 9.66
N GLU B 37 -7.71 -36.40 9.99
CA GLU B 37 -7.34 -37.01 11.29
C GLU B 37 -6.42 -38.23 11.05
N VAL B 38 -5.26 -38.26 11.67
CA VAL B 38 -4.28 -39.38 11.53
C VAL B 38 -3.89 -39.91 12.91
N ASP B 39 -3.95 -41.23 13.09
CA ASP B 39 -3.34 -41.93 14.23
C ASP B 39 -2.42 -43.05 13.70
N LEU B 40 -1.20 -43.13 14.24
CA LEU B 40 -0.32 -44.32 14.09
C LEU B 40 -0.77 -45.37 15.10
N LEU B 41 -0.76 -46.65 14.71
CA LEU B 41 -1.24 -47.78 15.55
C LEU B 41 -0.12 -48.79 15.79
N LYS B 42 0.09 -49.17 17.04
CA LYS B 42 0.90 -50.34 17.45
C LYS B 42 -0.06 -51.42 17.95
N ASN B 43 -0.17 -52.54 17.22
CA ASN B 43 -1.09 -53.68 17.48
C ASN B 43 -2.52 -53.17 17.66
N GLY B 44 -2.94 -52.20 16.82
CA GLY B 44 -4.30 -51.64 16.81
C GLY B 44 -4.53 -50.59 17.89
N GLU B 45 -3.68 -50.55 18.93
CA GLU B 45 -3.72 -49.52 20.01
C GLU B 45 -3.32 -48.18 19.38
N ARG B 46 -3.98 -47.10 19.80
CA ARG B 46 -3.56 -45.71 19.44
C ARG B 46 -2.20 -45.45 20.10
N ILE B 47 -1.20 -44.98 19.35
CA ILE B 47 0.12 -44.54 19.88
C ILE B 47 0.01 -43.08 20.31
N GLU B 48 0.26 -42.79 21.58
CA GLU B 48 0.51 -41.42 22.13
C GLU B 48 1.93 -41.01 21.69
N LYS B 49 2.26 -39.71 21.76
CA LYS B 49 3.61 -39.18 21.38
C LYS B 49 3.88 -39.51 19.91
N VAL B 50 3.06 -38.94 19.03
CA VAL B 50 3.23 -38.94 17.55
C VAL B 50 3.44 -37.49 17.13
N GLU B 51 4.64 -37.11 16.67
CA GLU B 51 4.88 -35.74 16.13
C GLU B 51 4.35 -35.69 14.69
N HIS B 52 4.12 -34.47 14.17
CA HIS B 52 3.58 -34.27 12.79
C HIS B 52 4.04 -32.91 12.23
N SER B 53 4.24 -32.86 10.92
CA SER B 53 4.47 -31.62 10.16
C SER B 53 3.19 -30.79 10.19
N ASP B 54 3.31 -29.48 10.00
CA ASP B 54 2.14 -28.58 9.77
C ASP B 54 1.48 -28.99 8.46
N LEU B 55 0.20 -28.67 8.30
CA LEU B 55 -0.51 -28.80 6.99
C LEU B 55 0.38 -28.18 5.88
N SER B 56 0.53 -28.89 4.77
CA SER B 56 1.41 -28.47 3.65
C SER B 56 0.56 -28.39 2.37
N PHE B 57 0.93 -27.46 1.48
CA PHE B 57 0.20 -27.16 0.22
C PHE B 57 0.98 -27.64 -1.01
N SER B 58 0.28 -28.32 -1.91
CA SER B 58 0.78 -28.73 -3.25
C SER B 58 0.28 -27.73 -4.31
N LYS B 59 1.03 -27.54 -5.39
CA LYS B 59 0.67 -26.64 -6.53
C LYS B 59 -0.58 -27.13 -7.25
N ASP B 60 -1.04 -28.38 -7.03
CA ASP B 60 -2.28 -28.90 -7.67
C ASP B 60 -3.47 -28.65 -6.74
N TRP B 61 -3.22 -27.96 -5.62
CA TRP B 61 -4.21 -27.40 -4.66
C TRP B 61 -4.55 -28.43 -3.56
N SER B 62 -4.04 -29.66 -3.68
CA SER B 62 -4.22 -30.73 -2.65
C SER B 62 -3.28 -30.44 -1.48
N PHE B 63 -3.45 -31.19 -0.38
CA PHE B 63 -2.68 -31.03 0.87
C PHE B 63 -1.90 -32.34 1.16
N TYR B 64 -0.82 -32.20 1.93
CA TYR B 64 0.02 -33.31 2.40
C TYR B 64 0.55 -32.98 3.81
N LEU B 65 0.78 -34.05 4.58
CA LEU B 65 1.15 -34.05 6.02
C LEU B 65 2.12 -35.23 6.25
N LEU B 66 3.07 -35.11 7.15
CA LEU B 66 3.87 -36.27 7.62
C LEU B 66 3.67 -36.47 9.12
N TYR B 67 3.18 -37.65 9.49
CA TYR B 67 3.07 -38.15 10.89
C TYR B 67 4.19 -39.16 11.14
N TYR B 68 4.92 -39.01 12.24
CA TYR B 68 6.07 -39.88 12.58
C TYR B 68 6.12 -40.15 14.10
N THR B 69 6.57 -41.36 14.44
CA THR B 69 6.91 -41.78 15.84
C THR B 69 8.21 -42.57 15.83
N GLU B 70 9.00 -42.41 16.90
CA GLU B 70 10.22 -43.23 17.18
C GLU B 70 9.73 -44.63 17.59
N PHE B 71 10.34 -45.69 17.04
CA PHE B 71 9.98 -47.11 17.33
C PHE B 71 11.17 -48.05 17.10
N THR B 72 11.12 -49.22 17.74
CA THR B 72 12.06 -50.36 17.51
C THR B 72 11.24 -51.56 17.06
N PRO B 73 11.30 -51.96 15.77
CA PRO B 73 10.45 -53.02 15.24
C PRO B 73 10.86 -54.41 15.75
N THR B 74 9.87 -55.22 16.13
CA THR B 74 9.99 -56.64 16.52
C THR B 74 9.25 -57.48 15.47
N GLU B 75 9.42 -58.80 15.51
CA GLU B 75 8.86 -59.73 14.49
C GLU B 75 7.33 -59.78 14.61
N LYS B 76 6.78 -59.57 15.81
CA LYS B 76 5.34 -59.80 16.16
C LYS B 76 4.57 -58.49 16.29
N ASP B 77 5.22 -57.33 16.50
CA ASP B 77 4.53 -56.03 16.67
C ASP B 77 4.01 -55.59 15.29
N GLU B 78 2.69 -55.36 15.21
CA GLU B 78 1.98 -54.85 14.00
C GLU B 78 1.97 -53.32 14.08
N TYR B 79 2.28 -52.64 12.98
CA TYR B 79 2.29 -51.16 12.89
C TYR B 79 1.41 -50.71 11.73
N ALA B 80 0.57 -49.71 11.98
CA ALA B 80 -0.42 -49.23 11.00
C ALA B 80 -0.57 -47.72 11.11
N CYS B 81 -1.27 -47.15 10.14
CA CYS B 81 -1.66 -45.71 10.07
C CYS B 81 -3.17 -45.66 9.84
N ARG B 82 -3.93 -44.99 10.72
CA ARG B 82 -5.41 -44.83 10.58
C ARG B 82 -5.73 -43.36 10.21
N VAL B 83 -6.45 -43.20 9.10
CA VAL B 83 -6.74 -41.88 8.44
C VAL B 83 -8.26 -41.74 8.33
N ASN B 84 -8.78 -40.59 8.75
CA ASN B 84 -10.19 -40.17 8.51
C ASN B 84 -10.22 -38.84 7.76
N HIS B 85 -11.25 -38.69 6.93
CA HIS B 85 -11.44 -37.59 5.96
C HIS B 85 -12.86 -37.69 5.44
N VAL B 86 -13.40 -36.60 4.90
CA VAL B 86 -14.83 -36.52 4.48
C VAL B 86 -15.09 -37.54 3.37
N THR B 87 -14.06 -37.87 2.56
CA THR B 87 -14.14 -38.89 1.48
C THR B 87 -14.21 -40.32 2.04
N LEU B 88 -13.98 -40.52 3.35
CA LEU B 88 -13.91 -41.84 4.04
C LEU B 88 -15.07 -41.96 5.03
N SER B 89 -15.99 -42.88 4.78
CA SER B 89 -17.21 -43.08 5.59
C SER B 89 -16.82 -43.81 6.88
N GLN B 90 -15.65 -44.44 6.90
CA GLN B 90 -15.05 -45.15 8.05
C GLN B 90 -13.54 -44.96 8.01
N PRO B 91 -12.86 -44.73 9.15
CA PRO B 91 -11.41 -44.54 9.12
C PRO B 91 -10.74 -45.68 8.33
N LYS B 92 -9.74 -45.37 7.51
CA LYS B 92 -8.97 -46.31 6.67
C LYS B 92 -7.68 -46.68 7.39
N ILE B 93 -7.48 -47.97 7.65
CA ILE B 93 -6.25 -48.54 8.27
C ILE B 93 -5.36 -49.07 7.15
N VAL B 94 -4.12 -48.57 7.11
CA VAL B 94 -3.02 -49.02 6.20
C VAL B 94 -1.92 -49.60 7.10
N LYS B 95 -1.62 -50.89 6.94
CA LYS B 95 -0.57 -51.56 7.74
C LYS B 95 0.79 -51.25 7.11
N TRP B 96 1.83 -51.16 7.93
CA TRP B 96 3.25 -51.18 7.52
C TRP B 96 3.63 -52.58 7.00
N ASP B 97 4.24 -52.66 5.81
CA ASP B 97 4.93 -53.90 5.35
C ASP B 97 6.39 -53.56 5.06
N ARG B 98 7.31 -54.33 5.63
CA ARG B 98 8.77 -54.07 5.66
C ARG B 98 9.34 -54.07 4.22
N ASP B 99 9.05 -55.14 3.46
CA ASP B 99 9.55 -55.39 2.08
C ASP B 99 8.36 -55.50 1.12
N GLN C 4 15.77 4.19 1.57
CA GLN C 4 16.42 5.42 2.13
C GLN C 4 15.67 6.67 1.64
N ASN C 5 16.13 7.34 0.58
CA ASN C 5 15.73 8.75 0.35
C ASN C 5 14.95 8.92 -0.95
N ILE C 6 14.25 10.05 -1.00
CA ILE C 6 13.53 10.56 -2.21
C ILE C 6 13.82 12.06 -2.27
N ASP C 7 14.11 12.58 -3.47
CA ASP C 7 14.44 14.03 -3.66
C ASP C 7 13.63 14.57 -4.84
N GLN C 8 13.01 15.73 -4.63
CA GLN C 8 12.36 16.54 -5.68
C GLN C 8 12.61 18.01 -5.36
N PRO C 9 12.60 18.90 -6.38
CA PRO C 9 12.92 20.31 -6.16
C PRO C 9 11.80 20.96 -5.33
N THR C 10 12.17 21.89 -4.46
CA THR C 10 11.23 22.61 -3.56
C THR C 10 10.21 23.38 -4.41
N GLU C 11 10.69 24.18 -5.36
CA GLU C 11 9.83 25.09 -6.17
C GLU C 11 10.25 25.05 -7.64
N MET C 12 9.29 25.11 -8.55
CA MET C 12 9.57 25.45 -9.96
C MET C 12 8.61 26.55 -10.45
N THR C 13 9.06 27.37 -11.40
CA THR C 13 8.24 28.48 -11.96
C THR C 13 8.32 28.43 -13.48
N ALA C 14 7.16 28.38 -14.12
CA ALA C 14 7.09 28.31 -15.59
C ALA C 14 5.99 29.24 -16.10
N THR C 15 5.89 29.38 -17.42
CA THR C 15 4.90 30.34 -17.99
C THR C 15 3.71 29.61 -18.63
N GLU C 16 2.51 30.13 -18.42
CA GLU C 16 1.29 29.57 -19.02
C GLU C 16 1.54 29.17 -20.47
N GLY C 17 0.99 28.01 -20.89
CA GLY C 17 1.10 27.57 -22.29
C GLY C 17 2.41 26.85 -22.57
N ALA C 18 3.33 26.89 -21.61
CA ALA C 18 4.65 26.26 -21.84
C ALA C 18 4.73 24.82 -21.29
N ILE C 19 5.94 24.33 -21.04
CA ILE C 19 6.17 22.92 -20.60
C ILE C 19 7.05 22.87 -19.34
N VAL C 20 6.69 22.06 -18.34
CA VAL C 20 7.56 21.89 -17.14
C VAL C 20 7.71 20.40 -16.82
N GLN C 21 8.95 20.00 -16.56
CA GLN C 21 9.38 18.64 -16.22
C GLN C 21 9.82 18.64 -14.76
N ILE C 22 9.02 18.04 -13.89
CA ILE C 22 9.28 17.93 -12.42
C ILE C 22 9.96 16.59 -12.16
N ASN C 23 11.24 16.61 -11.78
CA ASN C 23 12.06 15.40 -11.59
C ASN C 23 11.94 14.91 -10.13
N CYS C 24 12.05 13.61 -9.95
CA CYS C 24 12.06 12.90 -8.65
C CYS C 24 13.06 11.77 -8.72
N THR C 25 14.10 11.80 -7.87
CA THR C 25 15.08 10.70 -7.70
C THR C 25 14.80 9.98 -6.39
N TYR C 26 15.11 8.68 -6.35
CA TYR C 26 14.83 7.78 -5.20
C TYR C 26 15.94 6.74 -5.12
N GLN C 27 16.42 6.46 -3.91
CA GLN C 27 17.32 5.31 -3.61
C GLN C 27 16.51 4.35 -2.73
N THR C 28 16.50 3.07 -3.09
CA THR C 28 15.87 1.96 -2.31
C THR C 28 16.46 0.63 -2.82
N SER C 29 16.45 -0.39 -1.96
CA SER C 29 16.55 -1.82 -2.37
C SER C 29 15.13 -2.37 -2.24
N GLY C 30 14.44 -2.62 -3.34
CA GLY C 30 13.02 -2.98 -3.27
C GLY C 30 12.12 -1.82 -3.64
N PHE C 31 11.14 -2.10 -4.49
CA PHE C 31 10.33 -1.08 -5.16
C PHE C 31 9.02 -1.72 -5.61
N ASN C 32 7.88 -1.19 -5.18
CA ASN C 32 6.55 -1.61 -5.69
C ASN C 32 5.86 -0.45 -6.43
N GLY C 33 6.62 0.55 -6.88
CA GLY C 33 6.11 1.56 -7.83
C GLY C 33 6.21 2.99 -7.34
N LEU C 34 6.06 3.95 -8.27
CA LEU C 34 6.18 5.40 -7.98
C LEU C 34 4.90 6.11 -8.41
N PHE C 35 4.42 6.98 -7.51
CA PHE C 35 3.15 7.72 -7.63
C PHE C 35 3.50 9.21 -7.72
N TRP C 36 2.65 9.97 -8.38
CA TRP C 36 2.62 11.45 -8.26
C TRP C 36 1.24 11.84 -7.75
N TYR C 37 1.18 12.75 -6.80
CA TYR C 37 -0.09 13.33 -6.33
C TYR C 37 -0.03 14.85 -6.63
N GLN C 38 -1.19 15.43 -6.93
CA GLN C 38 -1.35 16.90 -7.06
C GLN C 38 -2.03 17.43 -5.79
N GLN C 39 -1.47 18.46 -5.18
CA GLN C 39 -2.10 19.09 -3.99
C GLN C 39 -2.18 20.60 -4.23
N HIS C 40 -3.38 21.11 -4.48
CA HIS C 40 -3.71 22.56 -4.50
C HIS C 40 -3.59 23.09 -3.07
N ALA C 41 -3.23 24.36 -2.95
CA ALA C 41 -3.17 25.14 -1.70
C ALA C 41 -4.49 24.94 -0.94
N GLY C 42 -4.41 24.57 0.34
CA GLY C 42 -5.59 24.34 1.20
C GLY C 42 -6.36 23.06 0.91
N GLU C 43 -5.96 22.22 -0.06
CA GLU C 43 -6.79 21.07 -0.54
C GLU C 43 -6.05 19.74 -0.25
N ALA C 44 -6.74 18.62 -0.50
CA ALA C 44 -6.21 17.25 -0.27
C ALA C 44 -5.35 16.84 -1.46
N PRO C 45 -4.25 16.08 -1.27
CA PRO C 45 -3.54 15.48 -2.40
C PRO C 45 -4.53 14.57 -3.16
N THR C 46 -4.45 14.55 -4.49
CA THR C 46 -5.26 13.66 -5.36
C THR C 46 -4.32 12.93 -6.30
N PHE C 47 -4.64 11.69 -6.62
CA PHE C 47 -3.74 10.76 -7.34
C PHE C 47 -3.63 11.25 -8.78
N LEU C 48 -2.42 11.38 -9.30
CA LEU C 48 -2.18 11.78 -10.71
C LEU C 48 -1.75 10.55 -11.51
N SER C 49 -0.67 9.88 -11.10
CA SER C 49 0.07 8.89 -11.93
C SER C 49 0.62 7.73 -11.08
N TYR C 50 0.75 6.55 -11.71
CA TYR C 50 1.48 5.36 -11.19
C TYR C 50 2.35 4.73 -12.29
N ASN C 51 3.66 4.69 -12.05
CA ASN C 51 4.63 3.94 -12.88
C ASN C 51 5.27 2.85 -11.99
N VAL C 52 5.49 1.64 -12.53
CA VAL C 52 6.28 0.56 -11.86
C VAL C 52 7.28 -0.07 -12.85
N LEU C 53 6.83 -0.40 -14.07
CA LEU C 53 7.71 -0.79 -15.20
C LEU C 53 8.41 0.47 -15.75
N ASP C 54 9.56 0.30 -16.40
CA ASP C 54 10.25 1.38 -17.16
C ASP C 54 9.31 1.99 -18.20
N GLY C 55 9.36 3.30 -18.37
CA GLY C 55 8.81 3.99 -19.55
C GLY C 55 7.87 5.10 -19.18
N LEU C 56 6.93 5.37 -20.08
CA LEU C 56 6.17 6.65 -20.16
C LEU C 56 4.68 6.32 -20.20
N GLU C 57 3.87 6.92 -19.33
CA GLU C 57 2.38 6.90 -19.40
C GLU C 57 1.89 8.33 -19.71
N GLU C 58 0.88 8.45 -20.58
CA GLU C 58 0.31 9.74 -21.07
C GLU C 58 -1.19 9.79 -20.86
N LYS C 59 -1.68 10.80 -20.16
CA LYS C 59 -3.13 11.08 -19.96
C LYS C 59 -3.34 12.60 -20.13
N GLY C 60 -3.99 13.04 -21.21
CA GLY C 60 -4.21 14.46 -21.52
C GLY C 60 -2.89 15.21 -21.60
N ARG C 61 -2.74 16.28 -20.82
CA ARG C 61 -1.58 17.21 -20.87
C ARG C 61 -0.44 16.73 -19.94
N PHE C 62 -0.64 15.60 -19.24
CA PHE C 62 0.25 15.07 -18.17
C PHE C 62 0.89 13.77 -18.69
N SER C 63 2.21 13.64 -18.49
CA SER C 63 2.98 12.40 -18.71
C SER C 63 3.78 12.04 -17.46
N SER C 64 4.03 10.75 -17.23
CA SER C 64 4.84 10.25 -16.09
C SER C 64 5.82 9.22 -16.62
N PHE C 65 7.11 9.45 -16.37
CA PHE C 65 8.22 8.59 -16.82
C PHE C 65 8.83 7.91 -15.60
N LEU C 66 9.41 6.72 -15.80
CA LEU C 66 10.22 6.00 -14.78
C LEU C 66 11.42 5.31 -15.45
N SER C 67 12.64 5.67 -15.04
CA SER C 67 13.87 4.85 -15.18
C SER C 67 14.15 4.12 -13.84
N ARG C 68 14.01 2.79 -13.79
CA ARG C 68 14.42 1.95 -12.62
C ARG C 68 15.94 2.02 -12.48
N SER C 69 16.67 1.86 -13.59
CA SER C 69 18.16 1.92 -13.65
C SER C 69 18.64 3.09 -12.80
N LYS C 70 18.18 4.30 -13.17
CA LYS C 70 18.73 5.59 -12.69
C LYS C 70 17.98 6.08 -11.44
N GLY C 71 16.96 5.33 -10.97
CA GLY C 71 16.16 5.68 -9.78
C GLY C 71 15.52 7.05 -9.92
N TYR C 72 14.75 7.23 -10.98
CA TYR C 72 14.47 8.56 -11.57
C TYR C 72 13.08 8.49 -12.19
N SER C 73 12.22 9.45 -11.84
CA SER C 73 10.89 9.67 -12.46
C SER C 73 10.74 11.16 -12.81
N TYR C 74 9.94 11.49 -13.84
CA TYR C 74 9.46 12.89 -14.08
C TYR C 74 7.97 12.87 -14.32
N LEU C 75 7.32 13.92 -13.82
CA LEU C 75 5.97 14.36 -14.23
C LEU C 75 6.17 15.53 -15.21
N LEU C 76 5.76 15.33 -16.48
CA LEU C 76 5.76 16.32 -17.58
C LEU C 76 4.35 16.89 -17.72
N LEU C 77 4.21 18.21 -17.56
CA LEU C 77 2.95 18.96 -17.85
C LEU C 77 3.15 19.82 -19.09
N LYS C 78 2.29 19.64 -20.09
CA LYS C 78 2.29 20.42 -21.37
C LYS C 78 1.15 21.46 -21.31
N GLU C 79 1.25 22.52 -22.12
CA GLU C 79 0.20 23.57 -22.32
C GLU C 79 -0.28 24.04 -20.95
N LEU C 80 0.67 24.56 -20.17
CA LEU C 80 0.38 24.93 -18.77
C LEU C 80 -0.76 25.92 -18.62
N GLN C 81 -1.62 25.67 -17.64
CA GLN C 81 -2.73 26.56 -17.26
C GLN C 81 -2.52 27.06 -15.84
N MET C 82 -3.10 28.23 -15.48
CA MET C 82 -2.97 28.82 -14.12
C MET C 82 -3.36 27.75 -13.05
N LYS C 83 -4.33 26.90 -13.36
CA LYS C 83 -4.97 25.93 -12.42
C LYS C 83 -4.00 24.77 -12.16
N ASP C 84 -2.94 24.65 -12.95
CA ASP C 84 -1.81 23.71 -12.74
C ASP C 84 -0.97 24.19 -11.56
N SER C 85 -1.17 25.42 -11.11
CA SER C 85 -0.45 25.97 -9.92
C SER C 85 -0.82 25.09 -8.72
N ALA C 86 0.13 24.41 -8.11
CA ALA C 86 -0.13 23.41 -7.04
C ALA C 86 1.21 22.86 -6.55
N SER C 87 1.18 22.07 -5.45
CA SER C 87 2.32 21.23 -5.05
C SER C 87 2.18 19.87 -5.77
N TYR C 88 3.27 19.31 -6.29
CA TYR C 88 3.27 17.95 -6.90
C TYR C 88 4.12 17.03 -5.99
N LEU C 89 3.47 16.00 -5.46
CA LEU C 89 4.02 15.08 -4.42
C LEU C 89 4.52 13.80 -5.10
N CYS C 90 5.82 13.57 -4.98
CA CYS C 90 6.50 12.35 -5.44
C CYS C 90 6.47 11.31 -4.31
N ALA C 91 6.12 10.05 -4.57
CA ALA C 91 6.12 8.98 -3.54
C ALA C 91 6.39 7.60 -4.16
N PHE C 92 7.09 6.70 -3.43
CA PHE C 92 7.34 5.29 -3.85
C PHE C 92 7.10 4.27 -2.71
N LEU C 93 6.66 3.08 -3.14
CA LEU C 93 6.42 1.91 -2.26
C LEU C 93 7.71 1.10 -2.19
N ASP C 94 8.26 0.85 -0.99
CA ASP C 94 9.44 -0.03 -0.83
C ASP C 94 8.98 -1.50 -0.77
N SER C 95 9.88 -2.42 -0.42
CA SER C 95 9.61 -3.89 -0.48
C SER C 95 8.47 -4.25 0.47
N ASN C 96 8.36 -3.53 1.57
CA ASN C 96 7.39 -3.76 2.67
C ASN C 96 6.12 -2.93 2.47
N TYR C 97 5.90 -2.36 1.27
CA TYR C 97 4.72 -1.51 0.93
C TYR C 97 4.63 -0.31 1.87
N GLN C 98 5.76 0.16 2.38
CA GLN C 98 5.85 1.44 3.11
C GLN C 98 5.84 2.58 2.05
N LEU C 99 5.00 3.61 2.23
CA LEU C 99 4.82 4.71 1.24
C LEU C 99 5.76 5.85 1.67
N ILE C 100 6.84 6.07 0.93
CA ILE C 100 7.90 7.08 1.23
C ILE C 100 7.60 8.32 0.36
N TRP C 101 7.40 9.47 1.00
CA TRP C 101 6.91 10.74 0.37
C TRP C 101 8.07 11.72 0.17
N GLY C 102 8.19 12.29 -1.03
CA GLY C 102 9.05 13.47 -1.23
C GLY C 102 8.48 14.68 -0.50
N ALA C 103 9.29 15.71 -0.28
CA ALA C 103 8.86 16.96 0.41
C ALA C 103 7.96 17.81 -0.51
N GLY C 104 7.76 17.39 -1.76
CA GLY C 104 6.84 18.04 -2.71
C GLY C 104 7.50 19.18 -3.51
N THR C 105 7.06 19.38 -4.75
CA THR C 105 7.48 20.52 -5.62
C THR C 105 6.33 21.51 -5.75
N LYS C 106 6.48 22.73 -5.20
CA LYS C 106 5.55 23.86 -5.45
C LYS C 106 5.72 24.38 -6.90
N LEU C 107 4.71 24.20 -7.76
CA LEU C 107 4.73 24.67 -9.17
C LEU C 107 3.99 26.01 -9.27
N ILE C 108 4.70 27.06 -9.63
CA ILE C 108 4.16 28.45 -9.84
C ILE C 108 4.09 28.73 -11.35
N ILE C 109 2.88 29.00 -11.85
CA ILE C 109 2.67 29.31 -13.30
C ILE C 109 2.54 30.83 -13.45
N LYS C 110 3.45 31.45 -14.19
CA LYS C 110 3.39 32.92 -14.43
C LYS C 110 2.45 33.21 -15.60
N PRO C 111 1.46 34.11 -15.44
CA PRO C 111 0.51 34.41 -16.51
C PRO C 111 1.21 35.06 -17.70
N ASP C 112 0.74 34.75 -18.91
CA ASP C 112 1.32 35.36 -20.14
C ASP C 112 0.71 36.74 -20.35
N ILE C 113 1.32 37.77 -19.79
CA ILE C 113 0.75 39.14 -19.87
C ILE C 113 1.26 39.80 -21.15
N GLN C 114 0.44 39.84 -22.21
CA GLN C 114 0.84 40.40 -23.54
C GLN C 114 0.94 41.92 -23.43
N ASN C 115 -0.05 42.57 -22.80
CA ASN C 115 -0.11 44.05 -22.72
C ASN C 115 0.09 44.47 -21.26
N PRO C 116 1.34 44.45 -20.75
CA PRO C 116 1.62 44.91 -19.39
C PRO C 116 1.38 46.42 -19.22
N ASP C 117 0.73 46.77 -18.10
CA ASP C 117 0.32 48.17 -17.77
C ASP C 117 0.53 48.34 -16.23
N PRO C 118 1.84 48.40 -15.84
CA PRO C 118 2.21 48.51 -14.42
C PRO C 118 1.83 49.85 -13.76
N ALA C 119 0.88 49.82 -12.81
CA ALA C 119 0.44 51.02 -12.05
C ALA C 119 0.41 50.70 -10.55
N VAL C 120 0.63 51.72 -9.72
CA VAL C 120 0.26 51.70 -8.27
C VAL C 120 -1.00 52.55 -8.13
N TYR C 121 -1.97 52.07 -7.36
CA TYR C 121 -3.23 52.81 -7.11
C TYR C 121 -3.58 52.81 -5.62
N GLN C 122 -4.08 53.92 -5.09
CA GLN C 122 -4.56 54.00 -3.69
C GLN C 122 -6.06 53.71 -3.68
N LEU C 123 -6.51 52.78 -2.83
CA LEU C 123 -7.94 52.42 -2.71
C LEU C 123 -8.62 53.26 -1.61
N ARG C 124 -9.82 53.76 -1.91
CA ARG C 124 -10.60 54.51 -0.91
C ARG C 124 -10.73 53.67 0.35
N ASP C 125 -10.44 54.26 1.51
CA ASP C 125 -10.44 53.46 2.77
C ASP C 125 -11.83 53.45 3.39
N SER C 126 -12.81 52.85 2.71
CA SER C 126 -14.14 52.73 3.33
C SER C 126 -14.08 52.62 4.86
N LYS C 127 -14.62 53.60 5.58
CA LYS C 127 -14.44 53.71 7.05
C LYS C 127 -12.95 53.86 7.33
N ASP C 130 -9.39 53.11 9.01
CA ASP C 130 -9.26 54.02 7.84
C ASP C 130 -7.82 53.95 7.32
N LYS C 131 -7.24 52.74 7.29
CA LYS C 131 -5.83 52.59 6.85
C LYS C 131 -5.73 52.95 5.37
N SER C 132 -4.50 53.10 4.88
CA SER C 132 -4.31 53.39 3.44
C SER C 132 -3.95 52.10 2.71
N VAL C 133 -4.86 51.62 1.86
CA VAL C 133 -4.56 50.40 1.06
C VAL C 133 -4.06 50.81 -0.32
N CYS C 134 -2.91 50.27 -0.73
CA CYS C 134 -2.31 50.53 -2.07
C CYS C 134 -2.32 49.22 -2.87
N LEU C 135 -2.50 49.34 -4.19
CA LEU C 135 -2.57 48.16 -5.09
C LEU C 135 -1.61 48.30 -6.27
N PHE C 136 -0.60 47.45 -6.34
CA PHE C 136 0.35 47.35 -7.47
C PHE C 136 -0.19 46.27 -8.40
N THR C 137 -0.57 46.61 -9.64
CA THR C 137 -1.36 45.74 -10.55
C THR C 137 -0.90 45.88 -12.01
N ASP C 138 -1.28 44.88 -12.82
CA ASP C 138 -1.18 44.89 -14.31
C ASP C 138 0.30 44.86 -14.73
N PHE C 139 1.23 44.60 -13.81
CA PHE C 139 2.68 44.49 -14.11
C PHE C 139 2.92 43.16 -14.81
N ASP C 140 4.14 42.95 -15.28
CA ASP C 140 4.51 41.79 -16.15
C ASP C 140 4.96 40.67 -15.21
N SER C 141 4.82 39.42 -15.62
CA SER C 141 5.01 38.24 -14.72
C SER C 141 6.50 38.07 -14.34
N GLN C 142 7.41 38.78 -15.04
CA GLN C 142 8.87 38.77 -14.76
C GLN C 142 9.21 39.69 -13.60
N THR C 143 8.23 40.44 -13.08
CA THR C 143 8.43 41.43 -11.97
C THR C 143 8.34 40.70 -10.63
N ASN C 144 9.33 40.90 -9.76
CA ASN C 144 9.47 40.19 -8.46
C ASN C 144 9.13 41.16 -7.32
N VAL C 145 8.00 40.94 -6.63
CA VAL C 145 7.48 41.85 -5.56
C VAL C 145 8.22 41.53 -4.27
N SER C 146 9.22 42.35 -3.93
CA SER C 146 10.03 42.24 -2.69
C SER C 146 9.25 42.83 -1.49
N GLN C 147 9.16 42.09 -0.39
CA GLN C 147 8.63 42.55 0.92
C GLN C 147 9.52 43.70 1.43
N SER C 148 8.96 44.67 2.15
CA SER C 148 9.69 45.87 2.62
C SER C 148 10.53 45.52 3.86
N LYS C 149 11.25 46.51 4.39
CA LYS C 149 11.97 46.41 5.69
C LYS C 149 11.07 46.96 6.78
N ASP C 150 10.56 48.19 6.59
CA ASP C 150 9.63 48.90 7.53
C ASP C 150 8.64 47.88 8.11
N SER C 151 8.61 47.76 9.45
CA SER C 151 7.80 46.77 10.21
C SER C 151 6.35 47.25 10.38
N ASP C 152 6.06 48.53 10.09
CA ASP C 152 4.68 49.11 10.12
C ASP C 152 4.07 49.16 8.71
N VAL C 153 4.71 48.53 7.71
CA VAL C 153 4.27 48.53 6.27
C VAL C 153 4.29 47.09 5.74
N TYR C 154 3.13 46.49 5.49
CA TYR C 154 2.99 45.08 5.06
C TYR C 154 2.74 45.02 3.55
N ILE C 155 3.32 44.01 2.90
CA ILE C 155 3.26 43.79 1.42
C ILE C 155 3.02 42.30 1.17
N THR C 156 1.93 41.97 0.47
CA THR C 156 1.53 40.58 0.16
C THR C 156 2.38 40.06 -0.99
N ASP C 157 2.31 38.76 -1.27
CA ASP C 157 2.94 38.13 -2.45
C ASP C 157 2.15 38.56 -3.69
N LYS C 158 2.73 38.30 -4.86
CA LYS C 158 2.07 38.49 -6.18
C LYS C 158 0.90 37.50 -6.24
N CYS C 159 -0.32 37.98 -6.49
CA CYS C 159 -1.56 37.19 -6.77
C CYS C 159 -1.96 37.34 -8.25
N VAL C 160 -2.52 36.30 -8.85
CA VAL C 160 -2.94 36.26 -10.28
C VAL C 160 -4.46 36.11 -10.32
N LEU C 161 -5.21 37.14 -10.72
CA LEU C 161 -6.69 37.08 -10.87
C LEU C 161 -7.05 36.85 -12.34
N ASP C 162 -8.17 36.19 -12.59
CA ASP C 162 -8.68 35.88 -13.95
C ASP C 162 -10.08 36.47 -14.05
N MET C 163 -10.22 37.53 -14.85
CA MET C 163 -11.55 38.13 -15.11
C MET C 163 -12.05 37.48 -16.40
N ARG C 164 -12.67 36.31 -16.29
CA ARG C 164 -13.26 35.68 -17.49
C ARG C 164 -14.23 36.68 -18.12
N SER C 165 -14.78 37.58 -17.31
CA SER C 165 -15.72 38.61 -17.80
C SER C 165 -15.09 39.41 -18.95
N MET C 166 -13.77 39.31 -19.15
CA MET C 166 -13.08 40.03 -20.24
C MET C 166 -11.86 39.24 -20.68
N ASP C 167 -11.91 37.91 -20.59
CA ASP C 167 -10.73 37.07 -20.91
C ASP C 167 -9.45 37.85 -20.57
N PHE C 168 -9.40 38.44 -19.37
CA PHE C 168 -8.22 39.23 -18.95
C PHE C 168 -7.57 38.59 -17.73
N LYS C 169 -6.23 38.59 -17.69
CA LYS C 169 -5.51 38.09 -16.49
C LYS C 169 -4.53 39.17 -16.03
N SER C 170 -4.46 39.45 -14.73
CA SER C 170 -3.53 40.45 -14.15
C SER C 170 -2.86 39.90 -12.88
N ASN C 171 -1.56 40.16 -12.77
CA ASN C 171 -0.81 40.20 -11.51
C ASN C 171 -1.26 41.38 -10.64
N SER C 172 -1.26 41.21 -9.32
CA SER C 172 -1.43 42.31 -8.31
C SER C 172 -0.72 41.96 -7.01
N ALA C 173 -0.30 42.97 -6.26
CA ALA C 173 0.21 42.86 -4.88
C ALA C 173 -0.43 43.99 -4.09
N VAL C 174 -0.70 43.76 -2.79
CA VAL C 174 -1.33 44.79 -1.92
C VAL C 174 -0.32 45.23 -0.85
N ALA C 175 -0.30 46.51 -0.50
CA ALA C 175 0.47 47.09 0.62
C ALA C 175 -0.45 47.97 1.48
N TRP C 176 -0.20 48.03 2.79
CA TRP C 176 -1.01 48.93 3.65
C TRP C 176 -0.23 49.39 4.88
N SER C 177 -0.78 50.36 5.61
CA SER C 177 -0.13 50.89 6.84
C SER C 177 -1.02 51.92 7.54
N ASN C 178 -0.95 52.00 8.87
CA ASN C 178 -1.68 53.01 9.67
C ASN C 178 -0.82 54.28 9.79
N LYS C 179 0.45 54.24 9.39
CA LYS C 179 1.41 55.38 9.48
C LYS C 179 0.79 56.63 8.85
N SER C 180 0.85 57.78 9.53
CA SER C 180 0.43 59.09 8.99
C SER C 180 1.32 59.47 7.80
N ASP C 181 2.54 58.91 7.73
CA ASP C 181 3.60 59.31 6.77
C ASP C 181 3.78 58.22 5.70
N PHE C 182 2.71 57.54 5.31
CA PHE C 182 2.78 56.40 4.34
C PHE C 182 2.26 56.86 2.97
N ALA C 183 2.95 56.46 1.90
CA ALA C 183 2.73 56.98 0.54
C ALA C 183 2.73 55.81 -0.45
N CYS C 184 1.65 55.66 -1.22
CA CYS C 184 1.43 54.49 -2.12
C CYS C 184 2.54 54.48 -3.18
N ALA C 185 2.78 55.63 -3.81
CA ALA C 185 3.88 55.84 -4.79
C ALA C 185 5.19 55.29 -4.21
N ASN C 186 5.73 54.24 -4.84
CA ASN C 186 7.06 53.60 -4.58
C ASN C 186 7.12 52.92 -3.20
N ALA C 187 5.96 52.65 -2.56
CA ALA C 187 5.85 51.72 -1.41
C ALA C 187 6.37 50.33 -1.81
N PHE C 188 6.14 49.94 -3.06
CA PHE C 188 6.67 48.71 -3.73
C PHE C 188 8.06 49.02 -4.26
N ASN C 189 9.05 48.18 -3.95
CA ASN C 189 10.48 48.54 -4.03
C ASN C 189 11.37 47.43 -3.46
N ASN D 1 -20.29 7.87 -4.27
CA ASN D 1 -19.58 7.83 -2.93
C ASN D 1 -19.00 9.21 -2.61
N ALA D 2 -18.95 9.57 -1.33
CA ALA D 2 -18.39 10.83 -0.81
C ALA D 2 -16.85 10.77 -0.85
N GLY D 3 -16.28 9.57 -0.87
CA GLY D 3 -14.85 9.33 -0.63
C GLY D 3 -14.55 9.37 0.85
N VAL D 4 -13.62 10.23 1.26
CA VAL D 4 -13.15 10.31 2.67
C VAL D 4 -13.67 11.60 3.29
N THR D 5 -14.47 11.51 4.35
CA THR D 5 -14.97 12.64 5.19
C THR D 5 -14.17 12.71 6.52
N GLN D 6 -13.43 13.80 6.68
CA GLN D 6 -12.54 14.10 7.82
C GLN D 6 -13.05 15.38 8.50
N THR D 7 -13.29 15.37 9.81
CA THR D 7 -13.72 16.55 10.60
C THR D 7 -12.91 16.64 11.90
N PRO D 8 -12.75 17.85 12.48
CA PRO D 8 -13.12 19.12 11.83
C PRO D 8 -12.04 19.61 10.85
N LYS D 9 -12.37 20.66 10.10
CA LYS D 9 -11.45 21.25 9.11
C LYS D 9 -10.43 22.10 9.85
N PHE D 10 -10.80 22.66 11.01
CA PHE D 10 -9.94 23.59 11.78
C PHE D 10 -10.15 23.37 13.28
N GLN D 11 -9.09 23.57 14.06
CA GLN D 11 -9.16 23.41 15.54
C GLN D 11 -7.99 24.12 16.20
N VAL D 12 -8.30 24.90 17.21
CA VAL D 12 -7.28 25.44 18.14
C VAL D 12 -7.43 24.68 19.45
N LEU D 13 -6.32 24.40 20.11
CA LEU D 13 -6.28 23.71 21.43
C LEU D 13 -5.33 24.47 22.35
N LYS D 14 -5.59 24.43 23.66
CA LYS D 14 -4.65 24.87 24.70
C LYS D 14 -3.68 23.70 24.96
N THR D 15 -2.44 23.98 25.38
CA THR D 15 -1.45 22.92 25.76
C THR D 15 -2.14 21.99 26.78
N GLY D 16 -2.24 20.72 26.48
CA GLY D 16 -2.67 19.70 27.47
C GLY D 16 -4.09 19.23 27.21
N GLN D 17 -4.82 19.89 26.32
CA GLN D 17 -6.18 19.47 25.96
C GLN D 17 -6.13 18.20 25.13
N SER D 18 -7.24 17.48 25.16
CA SER D 18 -7.47 16.20 24.46
C SER D 18 -8.34 16.48 23.23
N MET D 19 -8.22 15.69 22.16
CA MET D 19 -8.91 15.98 20.89
C MET D 19 -9.06 14.71 20.05
N THR D 20 -10.21 14.54 19.41
CA THR D 20 -10.47 13.43 18.47
C THR D 20 -10.78 13.97 17.06
N LEU D 21 -9.98 13.62 16.07
CA LEU D 21 -10.25 13.89 14.65
C LEU D 21 -11.00 12.70 14.06
N GLN D 22 -12.17 12.96 13.51
CA GLN D 22 -13.01 11.90 12.90
C GLN D 22 -12.56 11.68 11.47
N CYS D 23 -12.63 10.43 11.02
CA CYS D 23 -12.38 10.09 9.60
C CYS D 23 -13.20 8.88 9.19
N ALA D 24 -13.89 8.96 8.06
CA ALA D 24 -14.79 7.91 7.55
C ALA D 24 -14.70 7.84 6.02
N GLN D 25 -14.85 6.64 5.47
CA GLN D 25 -14.96 6.42 4.02
C GLN D 25 -16.02 5.35 3.78
N ASP D 26 -16.82 5.53 2.73
CA ASP D 26 -17.94 4.67 2.29
C ASP D 26 -17.46 3.71 1.19
N MET D 27 -16.15 3.55 0.99
CA MET D 27 -15.61 2.93 -0.25
C MET D 27 -15.16 1.49 -0.01
N ASN D 28 -15.41 0.92 1.18
CA ASN D 28 -15.03 -0.45 1.56
C ASN D 28 -13.52 -0.63 1.47
N HIS D 29 -12.74 0.40 1.76
CA HIS D 29 -11.27 0.36 1.67
C HIS D 29 -10.75 -0.40 2.89
N ASN D 30 -9.74 -1.26 2.70
CA ASN D 30 -9.12 -2.04 3.80
C ASN D 30 -8.20 -1.11 4.58
N TYR D 31 -7.48 -0.24 3.85
CA TYR D 31 -6.36 0.54 4.43
C TYR D 31 -6.84 1.97 4.71
N MET D 32 -6.57 2.46 5.93
CA MET D 32 -6.78 3.87 6.31
C MET D 32 -5.51 4.33 7.00
N TYR D 33 -5.20 5.62 6.83
CA TYR D 33 -3.91 6.25 7.21
C TYR D 33 -4.20 7.59 7.87
N TRP D 34 -3.37 7.96 8.84
CA TRP D 34 -3.28 9.33 9.42
C TRP D 34 -1.87 9.83 9.17
N TYR D 35 -1.78 11.00 8.51
CA TYR D 35 -0.53 11.73 8.17
C TYR D 35 -0.55 13.12 8.78
N ARG D 36 0.62 13.65 9.12
CA ARG D 36 0.78 15.11 9.37
C ARG D 36 1.66 15.68 8.25
N GLN D 37 1.28 16.87 7.75
CA GLN D 37 2.04 17.64 6.74
C GLN D 37 2.58 18.92 7.39
N ASP D 38 3.89 19.09 7.39
CA ASP D 38 4.59 20.24 7.97
C ASP D 38 5.49 20.88 6.90
N PRO D 39 5.67 22.20 6.92
CA PRO D 39 6.50 22.88 5.91
C PRO D 39 7.87 22.20 5.75
N GLY D 40 8.28 21.94 4.50
CA GLY D 40 9.65 21.54 4.13
C GLY D 40 9.96 20.05 4.34
N MET D 41 8.96 19.19 4.50
CA MET D 41 9.19 17.73 4.59
C MET D 41 7.98 16.98 4.06
N GLY D 42 8.17 15.73 3.66
CA GLY D 42 7.08 14.89 3.09
C GLY D 42 6.05 14.55 4.16
N LEU D 43 4.84 14.22 3.74
CA LEU D 43 3.82 13.58 4.62
C LEU D 43 4.52 12.56 5.54
N ARG D 44 4.20 12.61 6.83
CA ARG D 44 4.74 11.71 7.87
C ARG D 44 3.59 10.88 8.44
N LEU D 45 3.66 9.55 8.29
CA LEU D 45 2.63 8.60 8.73
C LEU D 45 2.60 8.61 10.27
N ILE D 46 1.43 8.85 10.84
CA ILE D 46 1.22 8.82 12.31
C ILE D 46 0.89 7.37 12.70
N TYR D 47 -0.24 6.85 12.21
CA TYR D 47 -0.72 5.45 12.37
C TYR D 47 -1.39 5.04 11.06
N TYR D 48 -1.53 3.72 10.86
CA TYR D 48 -2.28 3.09 9.76
C TYR D 48 -3.03 1.86 10.29
N SER D 49 -3.89 1.31 9.44
CA SER D 49 -4.77 0.14 9.72
C SER D 49 -4.99 -0.59 8.39
N ALA D 50 -4.66 -1.87 8.35
CA ALA D 50 -4.78 -2.74 7.16
C ALA D 50 -6.19 -3.30 7.01
N SER D 51 -7.06 -3.11 8.00
CA SER D 51 -8.43 -3.73 8.06
C SER D 51 -9.09 -3.31 9.36
N GLU D 52 -10.42 -3.45 9.43
CA GLU D 52 -11.12 -3.44 10.74
C GLU D 52 -10.44 -4.50 11.62
N GLY D 53 -10.15 -4.14 12.87
CA GLY D 53 -9.63 -5.04 13.92
C GLY D 53 -8.13 -4.95 14.12
N THR D 54 -7.42 -4.18 13.30
CA THR D 54 -5.96 -4.02 13.44
C THR D 54 -5.52 -2.58 13.12
N THR D 55 -4.48 -2.13 13.82
CA THR D 55 -3.84 -0.80 13.65
C THR D 55 -2.36 -1.00 13.97
N ASP D 56 -1.52 -0.07 13.57
CA ASP D 56 -0.07 -0.12 13.83
C ASP D 56 0.54 1.28 13.69
N LYS D 57 1.63 1.51 14.41
CA LYS D 57 2.40 2.78 14.43
C LYS D 57 2.96 3.06 13.04
N GLY D 58 2.94 4.35 12.66
CA GLY D 58 3.67 4.85 11.49
C GLY D 58 5.08 5.26 11.88
N GLU D 59 5.51 6.43 11.41
CA GLU D 59 6.87 6.97 11.60
C GLU D 59 6.88 7.86 12.84
N VAL D 60 5.78 8.51 13.19
CA VAL D 60 5.73 9.51 14.30
C VAL D 60 4.46 9.29 15.11
N PRO D 61 4.30 8.07 15.69
CA PRO D 61 3.12 7.73 16.47
C PRO D 61 3.03 8.45 17.84
N ASN D 62 4.15 8.92 18.37
CA ASN D 62 4.20 9.43 19.77
C ASN D 62 3.24 10.62 19.98
N GLY D 63 2.38 10.53 21.00
CA GLY D 63 1.43 11.58 21.42
C GLY D 63 0.05 11.38 20.81
N TYR D 64 -0.11 10.33 19.99
CA TYR D 64 -1.40 10.03 19.28
C TYR D 64 -1.80 8.58 19.55
N ASN D 65 -3.10 8.30 19.45
CA ASN D 65 -3.63 6.93 19.34
C ASN D 65 -4.76 6.91 18.30
N VAL D 66 -5.06 5.71 17.79
CA VAL D 66 -6.12 5.45 16.77
C VAL D 66 -6.94 4.27 17.26
N SER D 67 -8.05 3.98 16.58
CA SER D 67 -8.81 2.73 16.74
C SER D 67 -9.48 2.41 15.40
N ARG D 68 -9.68 1.13 15.06
CA ARG D 68 -10.42 0.70 13.84
C ARG D 68 -11.37 -0.43 14.25
N SER D 69 -12.50 -0.08 14.88
CA SER D 69 -13.62 -0.97 15.28
C SER D 69 -14.44 -1.36 14.04
N THR D 70 -14.39 -0.54 12.98
CA THR D 70 -15.20 -0.70 11.74
C THR D 70 -14.32 -0.51 10.51
N THR D 71 -14.75 -1.03 9.37
CA THR D 71 -14.16 -0.73 8.04
C THR D 71 -14.19 0.77 7.80
N GLU D 72 -15.29 1.44 8.16
CA GLU D 72 -15.61 2.85 7.77
C GLU D 72 -14.75 3.88 8.53
N ASP D 73 -14.59 3.75 9.85
CA ASP D 73 -14.09 4.84 10.73
C ASP D 73 -12.65 4.58 11.16
N PHE D 74 -11.80 5.61 11.15
CA PHE D 74 -10.41 5.58 11.70
C PHE D 74 -10.13 6.84 12.50
N PRO D 75 -10.72 6.99 13.71
CA PRO D 75 -10.52 8.20 14.52
C PRO D 75 -9.07 8.33 15.00
N LEU D 76 -8.55 9.55 15.04
CA LEU D 76 -7.21 9.89 15.56
C LEU D 76 -7.39 10.72 16.80
N ARG D 77 -6.80 10.26 17.92
CA ARG D 77 -6.91 10.88 19.24
C ARG D 77 -5.59 11.60 19.55
N LEU D 78 -5.67 12.87 19.94
CA LEU D 78 -4.53 13.65 20.47
C LEU D 78 -4.61 13.56 21.97
N LEU D 79 -3.63 12.91 22.59
CA LEU D 79 -3.69 12.49 24.02
C LEU D 79 -3.55 13.74 24.90
N SER D 80 -2.59 14.59 24.56
CA SER D 80 -2.18 15.77 25.36
C SER D 80 -1.54 16.78 24.41
N ALA D 81 -2.34 17.73 23.90
CA ALA D 81 -1.93 18.72 22.87
C ALA D 81 -0.62 19.39 23.31
N ALA D 82 0.41 19.29 22.48
CA ALA D 82 1.67 20.07 22.61
C ALA D 82 1.84 20.94 21.36
N PRO D 83 2.53 22.10 21.48
CA PRO D 83 2.81 22.99 20.34
C PRO D 83 3.40 22.28 19.11
N SER D 84 4.26 21.27 19.34
CA SER D 84 4.94 20.48 18.29
C SER D 84 3.90 19.75 17.43
N GLN D 85 2.66 19.71 17.91
CA GLN D 85 1.54 19.04 17.19
C GLN D 85 0.76 20.04 16.31
N THR D 86 1.08 21.34 16.39
CA THR D 86 0.59 22.34 15.39
C THR D 86 1.04 21.83 14.01
N SER D 87 0.10 21.53 13.14
CA SER D 87 0.36 20.90 11.83
C SER D 87 -0.95 20.90 11.04
N VAL D 88 -0.89 20.36 9.81
CA VAL D 88 -2.08 19.94 9.01
C VAL D 88 -2.10 18.41 8.93
N TYR D 89 -3.23 17.83 9.35
CA TYR D 89 -3.50 16.37 9.48
C TYR D 89 -4.39 15.96 8.31
N PHE D 90 -3.98 14.92 7.59
CA PHE D 90 -4.79 14.28 6.52
C PHE D 90 -5.05 12.82 6.86
N CYS D 91 -6.32 12.44 6.89
CA CYS D 91 -6.80 11.06 6.81
C CYS D 91 -6.75 10.60 5.37
N ALA D 92 -6.40 9.33 5.11
CA ALA D 92 -6.41 8.73 3.76
C ALA D 92 -6.96 7.32 3.82
N SER D 93 -7.44 6.82 2.68
CA SER D 93 -7.82 5.40 2.53
C SER D 93 -7.29 4.89 1.20
N SER D 94 -7.03 3.59 1.12
CA SER D 94 -6.72 2.87 -0.14
C SER D 94 -7.34 1.48 -0.11
N ASN D 95 -7.72 0.96 -1.27
CA ASN D 95 -8.36 -0.38 -1.39
C ASN D 95 -7.37 -1.42 -0.87
N ARG D 96 -6.09 -1.28 -1.24
CA ARG D 96 -5.03 -2.29 -0.99
C ARG D 96 -3.75 -1.57 -0.57
N GLU D 97 -2.76 -2.34 -0.11
CA GLU D 97 -1.46 -1.82 0.42
C GLU D 97 -0.70 -1.12 -0.71
N TYR D 98 -0.99 -1.42 -1.98
CA TYR D 98 -0.25 -0.88 -3.14
C TYR D 98 -1.12 0.04 -4.01
N SER D 99 -2.36 0.32 -3.62
CA SER D 99 -3.32 1.04 -4.50
C SER D 99 -3.32 2.52 -4.13
N PRO D 100 -3.86 3.39 -4.99
CA PRO D 100 -3.82 4.84 -4.76
C PRO D 100 -4.57 5.29 -3.50
N LEU D 101 -4.00 6.25 -2.76
CA LEU D 101 -4.65 6.88 -1.58
C LEU D 101 -5.68 7.94 -2.04
N HIS D 102 -6.87 7.87 -1.43
CA HIS D 102 -7.94 8.91 -1.40
C HIS D 102 -7.81 9.66 -0.07
N PHE D 103 -7.63 10.98 -0.10
CA PHE D 103 -7.40 11.80 1.12
C PHE D 103 -8.67 12.54 1.53
N GLY D 104 -8.78 12.81 2.82
CA GLY D 104 -9.81 13.72 3.37
C GLY D 104 -9.36 15.16 3.19
N ASN D 105 -10.19 16.13 3.58
CA ASN D 105 -9.92 17.57 3.23
C ASN D 105 -9.01 18.18 4.28
N GLY D 106 -8.56 17.38 5.26
CA GLY D 106 -7.50 17.86 6.16
C GLY D 106 -8.08 18.57 7.36
N THR D 107 -7.26 18.70 8.40
CA THR D 107 -7.57 19.36 9.69
C THR D 107 -6.39 20.25 9.98
N ARG D 108 -6.59 21.57 9.91
N ARG D 108 -6.61 21.57 9.94
CA ARG D 108 -5.56 22.56 10.33
CA ARG D 108 -5.59 22.58 10.33
C ARG D 108 -5.66 22.72 11.85
C ARG D 108 -5.65 22.73 11.86
N LEU D 109 -4.56 22.44 12.54
CA LEU D 109 -4.57 22.37 14.02
C LEU D 109 -3.48 23.26 14.56
N THR D 110 -3.83 24.11 15.52
CA THR D 110 -2.87 24.98 16.21
C THR D 110 -3.03 24.76 17.70
N VAL D 111 -1.91 24.51 18.37
CA VAL D 111 -1.85 24.35 19.85
C VAL D 111 -1.12 25.57 20.39
N THR D 112 -1.75 26.30 21.30
CA THR D 112 -1.14 27.49 21.94
C THR D 112 -1.14 27.28 23.45
N GLU D 113 -0.17 27.85 24.14
CA GLU D 113 -0.03 27.67 25.61
C GLU D 113 -1.13 28.50 26.29
N ASP D 114 -1.71 29.50 25.62
CA ASP D 114 -2.65 30.48 26.26
C ASP D 114 -3.76 30.88 25.27
N LEU D 115 -5.03 30.64 25.64
CA LEU D 115 -6.19 30.88 24.76
C LEU D 115 -6.47 32.39 24.71
N ASN D 116 -5.81 33.18 25.57
CA ASN D 116 -5.79 34.67 25.53
C ASN D 116 -5.12 35.15 24.23
N LYS D 117 -4.37 34.28 23.57
CA LYS D 117 -3.65 34.60 22.32
C LYS D 117 -4.63 34.52 21.13
N VAL D 118 -5.85 33.98 21.32
CA VAL D 118 -6.83 33.81 20.21
C VAL D 118 -7.57 35.15 19.98
N PHE D 119 -7.65 35.61 18.73
CA PHE D 119 -8.32 36.88 18.30
C PHE D 119 -9.03 36.67 16.97
N PRO D 120 -10.28 37.15 16.81
CA PRO D 120 -11.00 37.02 15.56
C PRO D 120 -10.47 38.11 14.62
N PRO D 121 -10.69 38.03 13.29
CA PRO D 121 -10.19 39.04 12.38
C PRO D 121 -11.04 40.31 12.46
N GLU D 122 -10.39 41.46 12.28
CA GLU D 122 -11.07 42.71 11.84
C GLU D 122 -11.05 42.70 10.32
N VAL D 123 -12.20 42.93 9.69
CA VAL D 123 -12.37 42.81 8.22
C VAL D 123 -12.79 44.19 7.69
N ALA D 124 -12.11 44.69 6.65
CA ALA D 124 -12.47 45.97 5.97
C ALA D 124 -12.39 45.81 4.45
N VAL D 125 -13.31 46.45 3.74
CA VAL D 125 -13.32 46.42 2.24
C VAL D 125 -12.90 47.81 1.74
N PHE D 126 -11.97 47.86 0.80
CA PHE D 126 -11.45 49.15 0.29
C PHE D 126 -11.98 49.39 -1.13
N GLU D 127 -12.66 50.52 -1.35
CA GLU D 127 -13.30 50.80 -2.66
C GLU D 127 -12.25 51.07 -3.74
N PRO D 128 -12.58 50.82 -5.03
CA PRO D 128 -11.59 50.93 -6.11
C PRO D 128 -11.02 52.33 -6.35
N SER D 129 -9.82 52.40 -6.92
CA SER D 129 -9.18 53.70 -7.22
C SER D 129 -9.88 54.34 -8.42
N GLU D 130 -10.22 55.62 -8.30
CA GLU D 130 -10.83 56.36 -9.44
C GLU D 130 -9.85 56.32 -10.62
N ALA D 131 -8.55 56.38 -10.31
CA ALA D 131 -7.53 56.34 -11.38
C ALA D 131 -7.60 55.04 -12.16
N GLU D 132 -7.69 53.90 -11.46
CA GLU D 132 -7.76 52.58 -12.14
C GLU D 132 -9.01 52.55 -13.01
N ILE D 133 -10.13 53.00 -12.45
CA ILE D 133 -11.41 52.97 -13.20
C ILE D 133 -11.23 53.77 -14.49
N SER D 134 -10.46 54.85 -14.43
CA SER D 134 -10.27 55.72 -15.61
C SER D 134 -9.26 55.10 -16.57
N HIS D 135 -8.12 54.64 -16.07
CA HIS D 135 -7.04 54.16 -16.97
C HIS D 135 -7.28 52.75 -17.50
N THR D 136 -8.21 51.98 -16.89
CA THR D 136 -8.33 50.55 -17.28
C THR D 136 -9.79 50.16 -17.54
N GLN D 137 -10.74 50.97 -17.08
CA GLN D 137 -12.17 50.60 -17.20
C GLN D 137 -12.40 49.33 -16.36
N LYS D 138 -11.56 49.12 -15.36
CA LYS D 138 -11.72 47.95 -14.46
C LYS D 138 -11.66 48.47 -13.01
N ALA D 139 -12.32 47.78 -12.08
CA ALA D 139 -12.36 48.24 -10.68
C ALA D 139 -11.88 47.12 -9.76
N THR D 140 -10.85 47.38 -8.96
CA THR D 140 -10.29 46.34 -8.08
C THR D 140 -10.62 46.62 -6.61
N LEU D 141 -11.65 45.96 -6.08
CA LEU D 141 -11.95 46.02 -4.63
C LEU D 141 -10.86 45.21 -3.90
N VAL D 142 -10.46 45.65 -2.70
CA VAL D 142 -9.52 44.90 -1.83
C VAL D 142 -10.24 44.68 -0.49
N CYS D 143 -10.24 43.43 0.00
CA CYS D 143 -10.66 43.07 1.37
C CYS D 143 -9.43 42.75 2.22
N LEU D 144 -9.44 43.23 3.47
CA LEU D 144 -8.28 43.01 4.38
C LEU D 144 -8.73 42.49 5.74
N ALA D 145 -8.37 41.25 6.06
CA ALA D 145 -8.61 40.58 7.36
C ALA D 145 -7.33 40.73 8.19
N THR D 146 -7.48 41.31 9.38
CA THR D 146 -6.29 41.62 10.19
C THR D 146 -6.46 41.30 11.67
N GLY D 147 -5.36 41.01 12.35
CA GLY D 147 -5.29 40.80 13.81
C GLY D 147 -5.71 39.40 14.28
N PHE D 148 -5.80 38.40 13.40
CA PHE D 148 -6.42 37.11 13.83
C PHE D 148 -5.34 36.12 14.26
N TYR D 149 -5.71 35.23 15.18
CA TYR D 149 -4.92 34.09 15.68
C TYR D 149 -5.88 33.02 16.20
N PRO D 150 -5.77 31.75 15.77
CA PRO D 150 -4.73 31.30 14.86
C PRO D 150 -5.04 31.62 13.39
N ASP D 151 -4.21 31.15 12.44
CA ASP D 151 -4.39 31.35 10.97
C ASP D 151 -5.43 30.38 10.44
N HIS D 152 -6.66 30.46 10.94
CA HIS D 152 -7.77 29.51 10.65
C HIS D 152 -8.92 30.35 10.09
N VAL D 153 -8.83 30.73 8.80
CA VAL D 153 -9.86 31.58 8.15
C VAL D 153 -10.17 31.07 6.73
N GLU D 154 -11.44 31.21 6.34
CA GLU D 154 -11.90 31.10 4.92
C GLU D 154 -12.49 32.46 4.52
N LEU D 155 -11.85 33.14 3.56
CA LEU D 155 -12.32 34.42 2.97
C LEU D 155 -13.14 34.12 1.71
N SER D 156 -14.38 34.63 1.66
CA SER D 156 -15.27 34.56 0.47
C SER D 156 -15.76 35.96 0.06
N TRP D 157 -16.15 36.12 -1.21
CA TRP D 157 -16.73 37.36 -1.80
C TRP D 157 -18.17 37.08 -2.18
N TRP D 158 -19.09 38.00 -1.82
CA TRP D 158 -20.54 37.90 -2.09
C TRP D 158 -20.97 39.16 -2.85
N VAL D 159 -21.67 38.97 -3.97
CA VAL D 159 -22.32 40.03 -4.78
C VAL D 159 -23.83 39.79 -4.71
N ASN D 160 -24.55 40.75 -4.12
CA ASN D 160 -26.04 40.78 -3.98
C ASN D 160 -26.48 39.59 -3.10
N GLY D 161 -25.59 39.14 -2.21
CA GLY D 161 -25.81 38.03 -1.26
C GLY D 161 -25.61 36.63 -1.83
N LYS D 162 -24.93 36.49 -3.00
CA LYS D 162 -24.50 35.18 -3.61
C LYS D 162 -22.98 35.15 -3.77
N GLU D 163 -22.34 34.04 -3.40
CA GLU D 163 -20.86 33.91 -3.49
C GLU D 163 -20.43 34.08 -4.97
N VAL D 164 -19.26 34.69 -5.22
CA VAL D 164 -18.64 34.83 -6.58
C VAL D 164 -17.20 34.30 -6.55
N HIS D 165 -16.66 33.84 -7.69
CA HIS D 165 -15.27 33.31 -7.83
C HIS D 165 -14.50 34.04 -8.93
N SER D 166 -15.15 34.48 -10.01
CA SER D 166 -14.42 35.12 -11.14
C SER D 166 -13.82 36.46 -10.71
N GLY D 167 -12.62 36.74 -11.21
CA GLY D 167 -11.80 37.93 -10.88
C GLY D 167 -11.47 38.05 -9.41
N VAL D 168 -11.47 36.94 -8.66
CA VAL D 168 -11.07 36.91 -7.23
C VAL D 168 -9.66 36.34 -7.16
N CYS D 169 -8.77 36.94 -6.37
CA CYS D 169 -7.49 36.34 -5.91
C CYS D 169 -7.29 36.65 -4.42
N THR D 170 -7.23 35.60 -3.60
CA THR D 170 -6.94 35.66 -2.15
C THR D 170 -5.49 35.19 -1.96
N ASP D 171 -4.71 35.84 -1.11
CA ASP D 171 -3.34 35.37 -0.74
C ASP D 171 -3.40 33.87 -0.36
N PRO D 172 -2.46 33.02 -0.83
CA PRO D 172 -2.46 31.61 -0.43
C PRO D 172 -2.21 31.45 1.08
N GLN D 173 -1.28 32.22 1.65
CA GLN D 173 -0.89 32.07 3.08
C GLN D 173 -0.97 33.42 3.79
N PRO D 174 -1.72 33.49 4.91
CA PRO D 174 -1.71 34.66 5.79
C PRO D 174 -0.32 35.15 6.18
N LEU D 175 -0.08 36.47 6.16
CA LEU D 175 1.18 37.15 6.55
C LEU D 175 1.23 37.33 8.08
N LYS D 176 2.40 37.64 8.65
CA LYS D 176 2.58 37.85 10.11
C LYS D 176 2.69 39.34 10.41
N GLU D 177 1.88 39.84 11.35
CA GLU D 177 1.86 41.27 11.75
C GLU D 177 3.16 41.58 12.52
N GLN D 178 3.64 40.62 13.32
CA GLN D 178 4.89 40.70 14.12
C GLN D 178 5.74 39.45 13.82
N PRO D 179 6.49 39.39 12.70
CA PRO D 179 7.20 38.16 12.32
C PRO D 179 8.13 37.55 13.38
N ALA D 180 8.71 38.39 14.26
CA ALA D 180 9.61 37.97 15.37
C ALA D 180 8.91 36.93 16.25
N LEU D 181 7.67 37.22 16.67
CA LEU D 181 6.90 36.40 17.64
C LEU D 181 6.41 35.12 16.94
N ASN D 182 6.34 34.00 17.68
CA ASN D 182 5.77 32.72 17.20
C ASN D 182 4.25 32.72 17.48
N ASP D 183 3.81 33.58 18.40
CA ASP D 183 2.39 33.79 18.78
C ASP D 183 1.80 34.99 17.98
N SER D 184 2.48 35.39 16.89
CA SER D 184 2.14 36.54 16.03
C SER D 184 0.73 36.40 15.48
N ARG D 185 -0.08 37.46 15.56
CA ARG D 185 -1.42 37.48 14.94
C ARG D 185 -1.24 37.64 13.42
N TYR D 186 -2.28 37.41 12.62
CA TYR D 186 -2.15 37.25 11.15
C TYR D 186 -3.00 38.28 10.38
N ALA D 187 -2.59 38.57 9.14
CA ALA D 187 -3.32 39.42 8.17
C ALA D 187 -3.44 38.69 6.83
N LEU D 188 -4.58 38.83 6.17
CA LEU D 188 -4.85 38.21 4.85
C LEU D 188 -5.48 39.28 3.95
N SER D 189 -5.10 39.30 2.68
CA SER D 189 -5.65 40.25 1.67
C SER D 189 -6.29 39.44 0.54
N SER D 190 -7.32 40.02 -0.09
CA SER D 190 -8.05 39.50 -1.27
C SER D 190 -8.46 40.67 -2.18
N ARG D 191 -8.53 40.42 -3.50
CA ARG D 191 -8.99 41.40 -4.53
C ARG D 191 -10.16 40.76 -5.28
N LEU D 192 -11.13 41.59 -5.66
CA LEU D 192 -12.21 41.22 -6.62
C LEU D 192 -12.18 42.28 -7.71
N ARG D 193 -11.86 41.87 -8.93
CA ARG D 193 -11.81 42.79 -10.08
C ARG D 193 -13.05 42.60 -10.93
N VAL D 194 -13.77 43.71 -11.12
CA VAL D 194 -15.03 43.71 -11.92
C VAL D 194 -14.94 44.86 -12.93
N SER D 195 -15.93 44.98 -13.81
CA SER D 195 -15.96 46.09 -14.79
C SER D 195 -16.30 47.39 -14.06
N ALA D 196 -15.72 48.50 -14.50
CA ALA D 196 -16.06 49.81 -13.90
C ALA D 196 -17.58 49.96 -13.96
N THR D 197 -18.18 49.54 -15.07
CA THR D 197 -19.65 49.59 -15.22
C THR D 197 -20.29 48.88 -14.04
N PHE D 198 -19.94 47.61 -13.81
CA PHE D 198 -20.59 46.82 -12.72
C PHE D 198 -20.46 47.58 -11.40
N TRP D 199 -19.26 48.09 -11.12
CA TRP D 199 -19.03 48.84 -9.85
C TRP D 199 -19.88 50.11 -9.82
N GLN D 200 -20.21 50.66 -10.98
CA GLN D 200 -20.92 51.97 -10.99
C GLN D 200 -22.41 51.73 -10.73
N ASP D 201 -22.88 50.50 -10.88
CA ASP D 201 -24.33 50.23 -10.70
C ASP D 201 -24.64 50.22 -9.20
N PRO D 202 -25.56 51.09 -8.74
CA PRO D 202 -25.88 51.18 -7.31
C PRO D 202 -26.80 50.04 -6.83
N ARG D 203 -27.21 49.15 -7.75
CA ARG D 203 -28.00 47.90 -7.51
C ARG D 203 -27.06 46.76 -7.08
N ASN D 204 -25.74 46.95 -7.24
CA ASN D 204 -24.72 45.92 -6.97
C ASN D 204 -24.10 46.16 -5.57
N HIS D 205 -24.31 45.18 -4.67
CA HIS D 205 -23.81 45.12 -3.27
C HIS D 205 -22.60 44.18 -3.27
N PHE D 206 -21.49 44.60 -2.68
CA PHE D 206 -20.26 43.77 -2.56
C PHE D 206 -20.04 43.49 -1.07
N ARG D 207 -19.69 42.24 -0.75
CA ARG D 207 -19.54 41.79 0.65
C ARG D 207 -18.35 40.83 0.74
N CYS D 208 -17.45 41.12 1.67
CA CYS D 208 -16.31 40.27 2.04
C CYS D 208 -16.65 39.53 3.35
N GLN D 209 -16.72 38.18 3.32
CA GLN D 209 -17.00 37.31 4.49
C GLN D 209 -15.75 36.53 4.87
N VAL D 210 -15.24 36.72 6.08
CA VAL D 210 -14.18 35.86 6.65
C VAL D 210 -14.79 34.96 7.74
N GLN D 211 -14.96 33.68 7.45
CA GLN D 211 -15.33 32.66 8.47
C GLN D 211 -14.08 32.41 9.31
N PHE D 212 -14.08 32.85 10.57
CA PHE D 212 -12.97 32.57 11.53
C PHE D 212 -13.31 31.33 12.38
N TYR D 213 -12.29 30.51 12.67
CA TYR D 213 -12.37 29.35 13.59
C TYR D 213 -11.57 29.65 14.86
N GLY D 214 -12.26 29.66 15.99
CA GLY D 214 -11.69 30.05 17.29
C GLY D 214 -12.19 29.20 18.44
N LEU D 215 -12.51 29.85 19.55
CA LEU D 215 -13.05 29.23 20.77
C LEU D 215 -14.47 28.72 20.52
N SER D 216 -14.92 27.75 21.32
CA SER D 216 -16.32 27.29 21.35
C SER D 216 -17.08 28.21 22.31
N GLU D 217 -18.37 28.41 22.07
CA GLU D 217 -19.27 29.12 23.02
C GLU D 217 -19.23 28.44 24.40
N ASN D 218 -18.82 27.18 24.48
CA ASN D 218 -18.69 26.44 25.76
C ASN D 218 -17.43 26.87 26.53
N ASP D 219 -16.43 27.45 25.87
CA ASP D 219 -15.09 27.67 26.50
C ASP D 219 -15.21 28.77 27.56
N GLU D 220 -14.48 28.57 28.65
CA GLU D 220 -14.32 29.50 29.79
C GLU D 220 -13.64 30.75 29.26
N TRP D 221 -13.98 31.94 29.77
CA TRP D 221 -13.41 33.23 29.31
C TRP D 221 -13.54 34.27 30.42
N THR D 222 -12.42 34.88 30.79
CA THR D 222 -12.31 35.87 31.89
C THR D 222 -11.51 37.07 31.36
N GLN D 223 -11.84 37.55 30.17
CA GLN D 223 -11.32 38.80 29.58
C GLN D 223 -12.50 39.73 29.31
N ASP D 224 -12.21 41.03 29.24
CA ASP D 224 -13.23 42.09 29.02
C ASP D 224 -13.71 41.99 27.56
N ARG D 225 -12.76 41.94 26.62
CA ARG D 225 -13.07 41.81 25.16
C ARG D 225 -13.94 40.56 24.96
N ALA D 226 -14.81 40.59 23.95
CA ALA D 226 -15.75 39.50 23.61
C ALA D 226 -14.96 38.20 23.46
N LYS D 227 -15.59 37.05 23.72
CA LYS D 227 -14.94 35.73 23.68
C LYS D 227 -14.64 35.39 22.23
N PRO D 228 -13.37 35.15 21.82
CA PRO D 228 -13.02 35.01 20.41
C PRO D 228 -13.48 33.67 19.78
N VAL D 229 -14.80 33.55 19.61
CA VAL D 229 -15.48 32.28 19.18
C VAL D 229 -15.42 32.14 17.65
N THR D 230 -15.53 30.91 17.14
CA THR D 230 -15.87 30.66 15.72
C THR D 230 -16.96 31.66 15.36
N GLN D 231 -16.75 32.44 14.30
CA GLN D 231 -17.68 33.51 13.89
C GLN D 231 -17.36 33.93 12.46
N ILE D 232 -18.37 34.50 11.81
CA ILE D 232 -18.25 35.20 10.51
C ILE D 232 -18.11 36.70 10.81
N VAL D 233 -17.02 37.31 10.35
CA VAL D 233 -16.77 38.78 10.40
C VAL D 233 -16.76 39.28 8.96
N SER D 234 -17.52 40.34 8.71
CA SER D 234 -18.01 40.77 7.37
C SER D 234 -17.79 42.27 7.19
N ALA D 235 -17.39 42.68 6.00
CA ALA D 235 -17.44 44.10 5.57
C ALA D 235 -18.08 44.17 4.19
N GLU D 236 -18.60 45.35 3.83
CA GLU D 236 -19.43 45.50 2.60
C GLU D 236 -19.18 46.88 1.99
N ALA D 237 -19.48 47.00 0.70
CA ALA D 237 -19.46 48.25 -0.10
C ALA D 237 -20.57 48.19 -1.16
N TRP D 238 -21.29 49.30 -1.37
CA TRP D 238 -22.28 49.47 -2.47
C TRP D 238 -21.63 50.14 -3.68
N GLY D 239 -22.03 49.73 -4.88
CA GLY D 239 -21.66 50.40 -6.15
C GLY D 239 -22.16 51.85 -6.26
N ARG D 240 -21.46 52.65 -7.06
CA ARG D 240 -21.78 54.09 -7.14
C ARG D 240 -21.30 54.67 -8.47
N ALA D 241 -22.14 55.45 -9.15
CA ALA D 241 -21.68 56.14 -10.37
C ALA D 241 -20.67 57.22 -9.96
N ASP D 242 -20.93 57.86 -8.82
CA ASP D 242 -20.01 58.90 -8.30
C ASP D 242 -18.74 58.94 -9.14
#